data_6GNG
#
_entry.id   6GNG
#
_cell.length_a   69.300
_cell.length_b   106.100
_cell.length_c   175.500
_cell.angle_alpha   90.00
_cell.angle_beta   90.00
_cell.angle_gamma   90.00
#
_symmetry.space_group_name_H-M   'P 21 21 21'
#
loop_
_entity.id
_entity.type
_entity.pdbx_description
1 polymer 'Granule-bound starch synthase'
2 branched 4,6-dideoxy-4-{[(1S,4R,5S,6S)-4,5,6-trihydroxy-3-(hydroxymethyl)cyclohex-2-en-1-yl]amino}-alpha-D-glucopyranose-(1-4)-alpha-D-glucopyranose-(1-4)-beta-D-glucopyranose
3 non-polymer "ADENOSINE-5'-DIPHOSPHATE"
4 water water
#
_entity_poly.entity_id   1
_entity_poly.type   'polypeptide(L)'
_entity_poly.pdbx_seq_one_letter_code
;MGSSHHHHHHSSGLVPRGSHMNIAPVSELQAAIDQAEKKLTIVFVGSECTPWSKTGGLGDVMRDLPVNLAQRGHRVMSIQ
PRYDQYFDAWDTAVRSSIKVNGKLEDVGFFHITSKGVDRIFIDHPWFLAKVWGITGNKLYGAKTGVDYPDNPMRFALMCQ
AALEAPLRIPLPDPAGTVYGEDVIFVCNDWHSALVPIYLKANYKTRGLYQNAKSIFLLHNIIYQGRFPLEFWPALNLPEA
AKKDLVFESCFAPPPLDGISEQPIISLKPMAMMNFLQAGFIHADRICTVSPQFAAEVASGPRGGVELDKYIRAKGITGIM
NGMDIEMWDASKDKFLVTKYTASSVDEGKAANKAVLQAEMGLKVSPTTPLIAFVGRLDDQKGADCMVEAMPYLVNTLGAQ
VVCYGSGREDMAAKFKALEKQFPGMAKGKTAFVPKEEHTLMAGADYVLMPSRFEPCGLVQLHAMKYGAVPIVSCTGGLKD
SVIPECGFTFEEIPSPEYPGMKISPELIAKGTKIIEEGCKEALAGYGSKAFAGMRAACMKQDFAWKKRVLVYEKVFYETL
GIDRGAPVTAKASPVAPEPSAAPAPATISAATSGGILPVPKAAAPKAPKVGA
;
_entity_poly.pdbx_strand_id   A,B
#
loop_
_chem_comp.id
_chem_comp.type
_chem_comp.name
_chem_comp.formula
AC1 D-saccharide 4,6-dideoxy-4-{[(1S,4R,5S,6S)-4,5,6-trihydroxy-3-(hydroxymethyl)cyclohex-2-en-1-yl]amino}-alpha-D-glucopyranose 'C13 H23 N O8'
ADP non-polymer ADENOSINE-5'-DIPHOSPHATE 'C10 H15 N5 O10 P2'
BGC D-saccharide, beta linking beta-D-glucopyranose 'C6 H12 O6'
GLC D-saccharide, alpha linking alpha-D-glucopyranose 'C6 H12 O6'
#
# COMPACT_ATOMS: atom_id res chain seq x y z
N LYS A 38 -12.79 24.57 10.35
CA LYS A 38 -12.01 24.61 9.09
C LYS A 38 -12.90 24.84 7.85
N LYS A 39 -13.80 23.90 7.59
CA LYS A 39 -14.75 23.94 6.45
C LYS A 39 -14.12 23.77 5.06
N LEU A 40 -14.53 22.69 4.37
CA LEU A 40 -13.98 22.31 3.06
C LEU A 40 -15.06 21.75 2.12
N THR A 41 -14.67 21.54 0.87
CA THR A 41 -15.55 21.00 -0.17
C THR A 41 -15.43 19.47 -0.18
N ILE A 42 -16.56 18.77 -0.13
CA ILE A 42 -16.62 17.29 -0.18
C ILE A 42 -17.58 16.86 -1.28
N VAL A 43 -17.25 15.75 -1.95
CA VAL A 43 -18.06 15.21 -3.05
C VAL A 43 -18.20 13.69 -2.94
N PHE A 44 -19.39 13.24 -2.52
CA PHE A 44 -19.72 11.82 -2.51
C PHE A 44 -20.07 11.31 -3.91
N VAL A 45 -19.63 10.10 -4.21
CA VAL A 45 -19.81 9.50 -5.51
C VAL A 45 -20.13 8.02 -5.31
N GLY A 46 -21.33 7.63 -5.69
CA GLY A 46 -21.79 6.24 -5.53
C GLY A 46 -22.95 5.90 -6.46
N SER A 47 -23.51 4.70 -6.31
CA SER A 47 -24.56 4.21 -7.20
C SER A 47 -25.98 4.22 -6.60
N GLU A 48 -26.11 4.64 -5.34
CA GLU A 48 -27.41 4.72 -4.67
C GLU A 48 -27.49 5.95 -3.77
N CYS A 49 -28.66 6.57 -3.74
CA CYS A 49 -28.98 7.52 -2.68
C CYS A 49 -30.48 7.39 -2.39
N THR A 50 -30.78 7.14 -1.11
CA THR A 50 -32.14 7.13 -0.58
C THR A 50 -32.57 8.61 -0.49
N PRO A 51 -33.83 8.95 -0.79
CA PRO A 51 -34.90 8.01 -1.22
C PRO A 51 -34.92 7.56 -2.70
N TRP A 52 -33.98 8.00 -3.51
CA TRP A 52 -34.06 7.89 -4.99
C TRP A 52 -33.78 6.48 -5.54
N SER A 53 -32.61 5.94 -5.25
CA SER A 53 -32.27 4.55 -5.56
C SER A 53 -31.79 3.88 -4.30
N LYS A 54 -32.01 2.57 -4.20
CA LYS A 54 -31.69 1.80 -3.00
C LYS A 54 -31.90 0.31 -3.25
N THR A 55 -30.88 -0.51 -2.98
CA THR A 55 -31.02 -1.97 -2.82
C THR A 55 -30.65 -2.41 -1.41
N GLY A 56 -30.22 -1.48 -0.56
CA GLY A 56 -29.76 -1.81 0.79
C GLY A 56 -29.05 -0.63 1.43
N GLY A 57 -28.10 -0.94 2.31
CA GLY A 57 -27.45 0.05 3.16
C GLY A 57 -26.67 1.15 2.45
N LEU A 58 -26.13 0.82 1.28
CA LEU A 58 -25.30 1.75 0.52
C LEU A 58 -25.97 3.11 0.31
N GLY A 59 -27.21 3.06 -0.19
CA GLY A 59 -28.00 4.26 -0.42
C GLY A 59 -28.29 5.05 0.85
N ASP A 60 -28.57 4.33 1.93
CA ASP A 60 -28.87 4.96 3.22
C ASP A 60 -27.66 5.71 3.79
N VAL A 61 -26.46 5.18 3.60
CA VAL A 61 -25.22 5.83 4.07
C VAL A 61 -24.94 7.09 3.27
N MET A 62 -25.10 7.00 1.96
CA MET A 62 -24.89 8.16 1.09
C MET A 62 -26.03 9.19 1.16
N ARG A 63 -27.14 8.88 1.84
CA ARG A 63 -28.10 9.90 2.27
C ARG A 63 -27.65 10.57 3.57
N ASP A 64 -27.41 9.76 4.60
CA ASP A 64 -27.19 10.24 5.97
C ASP A 64 -25.83 10.89 6.18
N LEU A 65 -24.77 10.23 5.74
CA LEU A 65 -23.44 10.75 6.00
C LEU A 65 -23.29 12.16 5.43
N PRO A 66 -23.54 12.35 4.12
CA PRO A 66 -23.31 13.68 3.56
C PRO A 66 -24.12 14.80 4.20
N VAL A 67 -25.33 14.52 4.67
CA VAL A 67 -26.14 15.52 5.37
C VAL A 67 -25.49 15.90 6.70
N ASN A 68 -25.12 14.89 7.48
CA ASN A 68 -24.49 15.13 8.78
C ASN A 68 -23.10 15.77 8.68
N LEU A 69 -22.42 15.60 7.54
CA LEU A 69 -21.22 16.38 7.23
C LEU A 69 -21.59 17.83 6.90
N ALA A 70 -22.69 18.00 6.16
CA ALA A 70 -23.20 19.33 5.80
C ALA A 70 -23.63 20.16 7.01
N GLN A 71 -24.19 19.50 8.03
CA GLN A 71 -24.55 20.19 9.27
C GLN A 71 -23.32 20.84 9.95
N ARG A 72 -22.14 20.24 9.79
CA ARG A 72 -20.90 20.78 10.35
C ARG A 72 -20.35 22.00 9.63
N GLY A 73 -20.89 22.33 8.46
CA GLY A 73 -20.53 23.55 7.74
C GLY A 73 -19.78 23.32 6.43
N HIS A 74 -19.49 22.07 6.12
CA HIS A 74 -18.81 21.71 4.88
C HIS A 74 -19.78 21.86 3.71
N ARG A 75 -19.24 22.18 2.54
CA ARG A 75 -20.02 22.26 1.31
C ARG A 75 -19.99 20.88 0.63
N VAL A 76 -21.07 20.12 0.80
CA VAL A 76 -21.09 18.72 0.40
C VAL A 76 -21.96 18.51 -0.83
N MET A 77 -21.57 17.53 -1.64
CA MET A 77 -22.34 17.11 -2.81
C MET A 77 -22.33 15.59 -2.88
N SER A 78 -23.42 15.03 -3.39
CA SER A 78 -23.52 13.61 -3.73
C SER A 78 -23.74 13.49 -5.25
N ILE A 79 -23.15 12.47 -5.87
CA ILE A 79 -23.31 12.24 -7.30
C ILE A 79 -23.72 10.80 -7.54
N GLN A 80 -24.91 10.63 -8.12
CA GLN A 80 -25.48 9.31 -8.42
C GLN A 80 -26.06 9.30 -9.83
N PRO A 81 -26.31 8.10 -10.40
CA PRO A 81 -26.99 8.04 -11.69
C PRO A 81 -28.50 8.34 -11.63
N ARG A 82 -29.07 8.68 -12.78
CA ARG A 82 -30.49 8.90 -12.95
C ARG A 82 -31.11 7.65 -13.58
N TYR A 83 -31.49 6.71 -12.71
CA TYR A 83 -32.10 5.43 -13.13
C TYR A 83 -33.55 5.58 -13.62
N ASP A 84 -34.26 6.57 -13.07
CA ASP A 84 -35.67 6.82 -13.36
C ASP A 84 -35.94 8.32 -13.30
N GLN A 85 -37.05 8.75 -13.89
CA GLN A 85 -37.35 10.20 -14.02
C GLN A 85 -37.83 10.77 -12.68
N TYR A 86 -36.88 11.17 -11.85
CA TYR A 86 -37.17 11.60 -10.48
C TYR A 86 -37.91 12.92 -10.53
N PHE A 87 -39.16 12.91 -10.03
CA PHE A 87 -40.05 14.08 -10.05
C PHE A 87 -39.45 15.37 -9.46
N ASP A 88 -38.56 15.24 -8.48
CA ASP A 88 -37.93 16.39 -7.81
C ASP A 88 -36.52 16.77 -8.32
N ALA A 89 -36.05 16.08 -9.36
CA ALA A 89 -34.72 16.34 -9.96
C ALA A 89 -34.85 17.15 -11.24
N TRP A 90 -34.25 18.36 -11.24
CA TRP A 90 -34.38 19.34 -12.34
C TRP A 90 -33.08 19.53 -13.11
N ASP A 91 -33.18 19.52 -14.44
CA ASP A 91 -32.02 19.66 -15.34
C ASP A 91 -31.32 21.01 -15.13
N THR A 92 -30.03 20.96 -14.82
CA THR A 92 -29.17 22.17 -14.74
C THR A 92 -28.92 22.79 -16.10
N ALA A 93 -29.21 22.03 -17.16
CA ALA A 93 -29.03 22.42 -18.56
C ALA A 93 -27.59 22.24 -19.00
N VAL A 94 -26.75 21.73 -18.08
CA VAL A 94 -25.33 21.61 -18.30
C VAL A 94 -25.12 20.20 -18.82
N ARG A 95 -24.52 20.13 -20.00
CA ARG A 95 -24.22 18.88 -20.64
C ARG A 95 -22.69 18.76 -20.65
N SER A 96 -22.23 17.55 -20.85
CA SER A 96 -20.84 17.32 -21.24
C SER A 96 -20.77 16.01 -22.01
N SER A 97 -19.63 15.80 -22.65
CA SER A 97 -19.41 14.64 -23.49
C SER A 97 -18.24 13.84 -22.92
N ILE A 98 -18.47 12.55 -22.71
CA ILE A 98 -17.52 11.62 -22.10
C ILE A 98 -17.21 10.52 -23.12
N LYS A 99 -15.94 10.17 -23.28
CA LYS A 99 -15.50 9.15 -24.25
C LYS A 99 -15.59 7.75 -23.62
N VAL A 100 -16.38 6.88 -24.24
CA VAL A 100 -16.54 5.50 -23.78
C VAL A 100 -16.69 4.60 -24.98
N ASN A 101 -15.93 3.51 -25.00
CA ASN A 101 -15.87 2.59 -26.12
C ASN A 101 -15.47 3.30 -27.44
N GLY A 102 -14.65 4.35 -27.32
CA GLY A 102 -14.21 5.15 -28.46
C GLY A 102 -15.16 6.23 -28.96
N LYS A 103 -16.43 6.18 -28.55
CA LYS A 103 -17.48 7.09 -29.07
C LYS A 103 -17.82 8.09 -27.97
N LEU A 104 -17.97 9.36 -28.34
CA LEU A 104 -18.32 10.43 -27.40
C LEU A 104 -19.76 10.25 -26.98
N GLU A 105 -20.07 10.51 -25.70
CA GLU A 105 -21.44 10.31 -25.14
C GLU A 105 -21.95 11.56 -24.42
N ASP A 106 -23.06 12.11 -24.90
CA ASP A 106 -23.66 13.29 -24.28
C ASP A 106 -24.33 12.84 -23.00
N VAL A 107 -23.99 13.51 -21.89
CA VAL A 107 -24.69 13.30 -20.61
C VAL A 107 -25.15 14.63 -20.04
N GLY A 108 -26.22 14.56 -19.25
CA GLY A 108 -26.80 15.71 -18.60
C GLY A 108 -26.67 15.59 -17.11
N PHE A 109 -26.96 16.68 -16.41
CA PHE A 109 -26.78 16.76 -14.98
C PHE A 109 -27.99 17.40 -14.30
N PHE A 110 -28.68 16.60 -13.50
CA PHE A 110 -29.90 17.01 -12.81
C PHE A 110 -29.56 17.27 -11.35
N HIS A 111 -30.17 18.31 -10.79
CA HIS A 111 -29.75 18.90 -9.52
C HIS A 111 -30.93 19.02 -8.55
N ILE A 112 -30.65 18.92 -7.26
CA ILE A 112 -31.63 19.14 -6.20
C ILE A 112 -30.92 19.42 -4.89
N THR A 113 -31.25 20.54 -4.24
CA THR A 113 -30.78 20.83 -2.88
C THR A 113 -31.77 20.21 -1.89
N SER A 114 -31.29 19.29 -1.05
CA SER A 114 -32.08 18.68 0.01
C SER A 114 -31.23 18.47 1.26
N LYS A 115 -31.64 19.13 2.35
CA LYS A 115 -30.95 19.06 3.65
C LYS A 115 -29.51 19.61 3.54
N GLY A 116 -29.35 20.72 2.81
CA GLY A 116 -28.06 21.37 2.62
C GLY A 116 -27.03 20.60 1.79
N VAL A 117 -27.48 19.62 1.01
CA VAL A 117 -26.58 18.75 0.24
C VAL A 117 -27.00 18.79 -1.22
N ASP A 118 -26.20 19.44 -2.05
CA ASP A 118 -26.53 19.59 -3.46
C ASP A 118 -26.27 18.26 -4.17
N ARG A 119 -27.32 17.43 -4.28
CA ARG A 119 -27.20 16.11 -4.88
C ARG A 119 -27.26 16.26 -6.40
N ILE A 120 -26.53 15.41 -7.13
CA ILE A 120 -26.52 15.46 -8.61
C ILE A 120 -26.71 14.08 -9.26
N PHE A 121 -27.45 14.09 -10.37
CA PHE A 121 -27.88 12.87 -11.06
C PHE A 121 -27.39 12.86 -12.50
N ILE A 122 -26.68 11.80 -12.86
CA ILE A 122 -26.07 11.68 -14.20
C ILE A 122 -27.08 11.07 -15.16
N ASP A 123 -27.54 11.87 -16.13
CA ASP A 123 -28.59 11.50 -17.06
C ASP A 123 -27.99 10.87 -18.31
N HIS A 124 -28.39 9.63 -18.61
CA HIS A 124 -27.98 8.94 -19.84
C HIS A 124 -28.83 7.69 -20.08
N PRO A 125 -29.15 7.37 -21.36
CA PRO A 125 -29.89 6.17 -21.78
C PRO A 125 -29.54 4.82 -21.17
N TRP A 126 -28.28 4.61 -20.81
CA TRP A 126 -27.85 3.35 -20.19
C TRP A 126 -28.34 3.22 -18.74
N PHE A 127 -28.56 4.36 -18.07
CA PHE A 127 -29.13 4.38 -16.72
C PHE A 127 -30.65 4.57 -16.70
N LEU A 128 -31.12 5.59 -17.42
CA LEU A 128 -32.54 5.98 -17.37
C LEU A 128 -33.44 4.94 -18.04
N ALA A 129 -33.09 4.56 -19.28
CA ALA A 129 -33.92 3.66 -20.10
C ALA A 129 -33.60 2.19 -19.86
N LYS A 130 -33.61 1.77 -18.60
CA LYS A 130 -33.36 0.36 -18.25
C LYS A 130 -34.71 -0.33 -18.15
N VAL A 131 -34.67 -1.65 -17.97
CA VAL A 131 -35.88 -2.48 -17.86
C VAL A 131 -36.83 -1.83 -16.84
N TRP A 132 -38.11 -1.85 -17.18
CA TRP A 132 -39.09 -0.90 -16.65
C TRP A 132 -39.70 -1.40 -15.33
N GLY A 133 -40.76 -0.75 -14.85
CA GLY A 133 -41.27 -0.98 -13.51
C GLY A 133 -40.41 -0.24 -12.51
N ILE A 134 -40.21 1.05 -12.77
CA ILE A 134 -39.53 2.00 -11.86
C ILE A 134 -38.11 1.63 -11.34
N THR A 135 -37.48 0.61 -11.94
CA THR A 135 -36.20 0.07 -11.45
C THR A 135 -36.20 -0.21 -9.92
N GLY A 136 -35.91 0.80 -9.10
CA GLY A 136 -35.94 0.69 -7.65
C GLY A 136 -34.90 -0.27 -7.09
N ASN A 137 -35.22 -1.56 -7.12
CA ASN A 137 -34.28 -2.66 -6.84
C ASN A 137 -33.89 -3.11 -8.26
N LYS A 138 -32.82 -3.89 -8.43
CA LYS A 138 -32.37 -4.30 -9.76
C LYS A 138 -31.70 -3.17 -10.57
N LEU A 139 -31.11 -2.23 -9.85
CA LEU A 139 -30.26 -1.19 -10.47
C LEU A 139 -29.15 -1.78 -11.34
N TYR A 140 -28.52 -2.85 -10.85
CA TYR A 140 -27.30 -3.42 -11.44
C TYR A 140 -27.53 -4.68 -12.27
N GLY A 141 -28.76 -5.20 -12.27
CA GLY A 141 -29.11 -6.42 -12.98
C GLY A 141 -30.58 -6.51 -13.32
N ALA A 142 -30.94 -7.50 -14.12
CA ALA A 142 -32.35 -7.78 -14.45
C ALA A 142 -32.97 -8.64 -13.35
N LYS A 143 -32.32 -9.77 -13.08
CA LYS A 143 -32.71 -10.70 -12.01
C LYS A 143 -31.85 -10.34 -10.78
N THR A 144 -31.56 -11.30 -9.91
CA THR A 144 -30.58 -11.11 -8.84
C THR A 144 -29.56 -12.24 -8.95
N GLY A 145 -28.31 -11.87 -9.23
CA GLY A 145 -27.28 -12.82 -9.67
C GLY A 145 -26.88 -12.60 -11.12
N VAL A 146 -27.72 -11.91 -11.88
CA VAL A 146 -27.48 -11.58 -13.28
C VAL A 146 -27.29 -10.07 -13.40
N ASP A 147 -26.12 -9.65 -13.87
CA ASP A 147 -25.83 -8.23 -14.09
C ASP A 147 -26.01 -7.81 -15.55
N TYR A 148 -26.20 -6.51 -15.75
CA TYR A 148 -26.29 -5.91 -17.09
C TYR A 148 -24.89 -5.85 -17.73
N PRO A 149 -24.75 -6.31 -18.99
CA PRO A 149 -23.45 -6.17 -19.68
C PRO A 149 -22.94 -4.75 -19.96
N ASP A 150 -23.76 -3.72 -19.67
CA ASP A 150 -23.30 -2.32 -19.78
C ASP A 150 -22.44 -1.86 -18.61
N ASN A 151 -22.56 -2.51 -17.46
CA ASN A 151 -21.95 -2.05 -16.17
C ASN A 151 -20.51 -1.52 -16.25
N PRO A 152 -19.62 -2.23 -16.97
CA PRO A 152 -18.31 -1.63 -17.22
C PRO A 152 -18.42 -0.20 -17.73
N MET A 153 -19.08 -0.03 -18.88
CA MET A 153 -19.18 1.26 -19.55
C MET A 153 -20.01 2.26 -18.75
N ARG A 154 -21.06 1.77 -18.10
CA ARG A 154 -21.94 2.64 -17.31
C ARG A 154 -21.17 3.32 -16.21
N PHE A 155 -20.49 2.53 -15.39
CA PHE A 155 -19.76 3.06 -14.24
C PHE A 155 -18.39 3.62 -14.62
N ALA A 156 -17.89 3.27 -15.79
CA ALA A 156 -16.82 4.04 -16.41
C ALA A 156 -17.32 5.45 -16.74
N LEU A 157 -18.49 5.51 -17.39
CA LEU A 157 -19.18 6.78 -17.75
C LEU A 157 -19.54 7.59 -16.51
N MET A 158 -20.11 6.90 -15.53
CA MET A 158 -20.58 7.53 -14.30
C MET A 158 -19.45 8.24 -13.55
N CYS A 159 -18.27 7.61 -13.51
CA CYS A 159 -17.11 8.18 -12.83
C CYS A 159 -16.59 9.43 -13.51
N GLN A 160 -16.26 9.31 -14.80
CA GLN A 160 -15.67 10.42 -15.57
C GLN A 160 -16.56 11.64 -15.49
N ALA A 161 -17.88 11.40 -15.65
CA ALA A 161 -18.91 12.43 -15.54
C ALA A 161 -18.93 13.10 -14.17
N ALA A 162 -18.74 12.31 -13.12
CA ALA A 162 -18.69 12.82 -11.76
C ALA A 162 -17.53 13.80 -11.55
N LEU A 163 -16.40 13.56 -12.22
CA LEU A 163 -15.25 14.48 -12.15
C LEU A 163 -15.48 15.82 -12.85
N GLU A 164 -16.41 15.85 -13.80
CA GLU A 164 -16.80 17.11 -14.44
C GLU A 164 -17.63 18.05 -13.53
N ALA A 165 -18.56 17.47 -12.78
CA ALA A 165 -19.58 18.24 -12.04
C ALA A 165 -19.08 19.35 -11.10
N PRO A 166 -17.98 19.12 -10.39
CA PRO A 166 -17.49 20.22 -9.56
C PRO A 166 -16.96 21.41 -10.37
N LEU A 167 -16.44 21.15 -11.57
CA LEU A 167 -15.84 22.17 -12.43
C LEU A 167 -16.84 23.02 -13.19
N ARG A 168 -17.99 22.43 -13.57
CA ARG A 168 -18.83 23.02 -14.62
C ARG A 168 -20.33 23.11 -14.30
N ILE A 169 -20.69 23.10 -13.02
CA ILE A 169 -22.08 23.24 -12.56
C ILE A 169 -22.14 24.17 -11.33
N PRO A 170 -22.73 25.38 -11.48
CA PRO A 170 -22.83 26.32 -10.37
C PRO A 170 -24.05 26.07 -9.48
N LEU A 171 -23.82 25.95 -8.18
CA LEU A 171 -24.87 25.60 -7.23
C LEU A 171 -24.88 26.61 -6.06
N PRO A 172 -25.98 26.72 -5.31
CA PRO A 172 -27.24 25.97 -5.47
C PRO A 172 -28.09 26.36 -6.69
N ASP A 173 -28.06 27.64 -7.06
CA ASP A 173 -28.82 28.15 -8.22
C ASP A 173 -27.87 28.48 -9.38
N PRO A 174 -28.31 28.23 -10.64
CA PRO A 174 -27.51 28.56 -11.84
C PRO A 174 -26.88 29.97 -11.95
N ALA A 175 -27.27 30.91 -11.07
CA ALA A 175 -26.53 32.16 -10.88
C ALA A 175 -25.83 32.19 -9.52
N GLY A 176 -25.12 31.10 -9.22
CA GLY A 176 -24.37 30.94 -7.97
C GLY A 176 -22.94 30.50 -8.25
N THR A 177 -22.25 30.06 -7.20
CA THR A 177 -20.83 29.66 -7.32
C THR A 177 -20.66 28.22 -7.84
N VAL A 178 -19.51 27.94 -8.42
CA VAL A 178 -19.13 26.60 -8.93
C VAL A 178 -18.33 25.88 -7.85
N TYR A 179 -18.34 24.54 -7.87
CA TYR A 179 -17.66 23.76 -6.82
C TYR A 179 -16.12 23.88 -6.83
N GLY A 180 -15.49 23.82 -8.00
CA GLY A 180 -14.04 24.07 -8.13
C GLY A 180 -13.13 22.84 -8.08
N GLU A 181 -11.92 23.03 -7.52
CA GLU A 181 -10.84 22.01 -7.56
C GLU A 181 -10.18 21.61 -6.23
N ASP A 182 -10.40 22.36 -5.14
CA ASP A 182 -9.84 21.98 -3.82
C ASP A 182 -10.87 21.13 -3.05
N VAL A 183 -11.13 19.96 -3.60
CA VAL A 183 -12.31 19.13 -3.32
C VAL A 183 -11.86 17.73 -2.97
N ILE A 184 -12.31 17.22 -1.83
CA ILE A 184 -12.07 15.82 -1.48
C ILE A 184 -13.21 14.95 -2.04
N PHE A 185 -12.85 13.89 -2.76
CA PHE A 185 -13.82 12.94 -3.35
C PHE A 185 -13.95 11.72 -2.48
N VAL A 186 -15.15 11.50 -1.91
CA VAL A 186 -15.45 10.25 -1.20
C VAL A 186 -16.12 9.31 -2.20
N CYS A 187 -15.53 8.15 -2.44
CA CYS A 187 -15.98 7.23 -3.49
C CYS A 187 -16.34 5.88 -2.87
N ASN A 188 -17.47 5.33 -3.27
CA ASN A 188 -18.16 4.31 -2.50
C ASN A 188 -18.32 3.03 -3.31
N ASP A 189 -17.62 1.97 -2.88
CA ASP A 189 -17.62 0.66 -3.54
C ASP A 189 -17.12 0.69 -4.99
N TRP A 190 -17.10 -0.49 -5.61
CA TRP A 190 -16.50 -0.68 -6.95
C TRP A 190 -17.03 0.27 -8.02
N HIS A 191 -18.30 0.64 -7.91
CA HIS A 191 -18.97 1.51 -8.89
C HIS A 191 -18.30 2.87 -9.03
N SER A 192 -17.76 3.40 -7.92
CA SER A 192 -16.98 4.63 -7.94
C SER A 192 -15.49 4.35 -7.60
N ALA A 193 -15.00 3.19 -8.00
CA ALA A 193 -13.63 2.78 -7.70
C ALA A 193 -12.65 3.31 -8.73
N LEU A 194 -13.16 3.85 -9.84
CA LEU A 194 -12.31 4.38 -10.91
C LEU A 194 -12.07 5.90 -10.84
N VAL A 195 -12.70 6.62 -9.92
CA VAL A 195 -12.42 8.08 -9.86
C VAL A 195 -11.01 8.40 -9.35
N PRO A 196 -10.43 7.59 -8.42
CA PRO A 196 -9.03 7.90 -8.06
C PRO A 196 -8.11 7.83 -9.27
N ILE A 197 -8.26 6.76 -10.07
CA ILE A 197 -7.43 6.54 -11.25
C ILE A 197 -7.81 7.41 -12.48
N TYR A 198 -9.09 7.75 -12.69
CA TYR A 198 -9.46 8.76 -13.72
C TYR A 198 -8.96 10.13 -13.28
N LEU A 199 -8.99 10.42 -11.99
CA LEU A 199 -8.54 11.71 -11.49
C LEU A 199 -7.07 11.90 -11.84
N LYS A 200 -6.22 10.98 -11.39
CA LYS A 200 -4.77 11.11 -11.60
C LYS A 200 -4.35 11.00 -13.07
N ALA A 201 -4.85 9.98 -13.76
CA ALA A 201 -4.42 9.67 -15.12
C ALA A 201 -4.92 10.64 -16.21
N ASN A 202 -6.06 11.28 -15.99
CA ASN A 202 -6.59 12.24 -16.94
C ASN A 202 -6.50 13.69 -16.44
N TYR A 203 -6.95 13.97 -15.22
CA TYR A 203 -7.18 15.37 -14.78
C TYR A 203 -5.95 16.06 -14.18
N LYS A 204 -5.26 15.37 -13.27
CA LYS A 204 -4.07 15.93 -12.59
C LYS A 204 -2.87 16.06 -13.53
N THR A 205 -2.81 15.18 -14.54
CA THR A 205 -1.90 15.32 -15.66
C THR A 205 -1.91 16.73 -16.25
N ARG A 206 -3.11 17.26 -16.49
CA ARG A 206 -3.29 18.57 -17.11
C ARG A 206 -3.42 19.75 -16.13
N GLY A 207 -2.95 19.59 -14.90
CA GLY A 207 -2.80 20.71 -13.97
C GLY A 207 -4.08 21.22 -13.31
N LEU A 208 -4.97 20.30 -12.95
CA LEU A 208 -6.15 20.64 -12.17
C LEU A 208 -6.55 19.47 -11.29
N TYR A 209 -7.33 19.76 -10.25
CA TYR A 209 -7.56 18.84 -9.12
C TYR A 209 -6.22 18.41 -8.51
N GLN A 210 -5.27 19.33 -8.44
CA GLN A 210 -3.95 19.01 -7.90
C GLN A 210 -4.03 18.95 -6.39
N ASN A 211 -4.62 19.97 -5.78
CA ASN A 211 -4.92 19.97 -4.33
C ASN A 211 -5.92 18.87 -3.89
N ALA A 212 -6.74 18.39 -4.82
CA ALA A 212 -7.75 17.37 -4.55
C ALA A 212 -7.16 16.01 -4.18
N LYS A 213 -7.73 15.40 -3.14
CA LYS A 213 -7.40 14.04 -2.75
C LYS A 213 -8.64 13.15 -2.84
N SER A 214 -8.38 11.85 -2.83
CA SER A 214 -9.38 10.82 -3.07
C SER A 214 -9.41 9.85 -1.89
N ILE A 215 -10.57 9.70 -1.27
CA ILE A 215 -10.80 8.67 -0.25
C ILE A 215 -11.69 7.59 -0.83
N PHE A 216 -11.31 6.33 -0.62
CA PHE A 216 -12.16 5.21 -0.98
C PHE A 216 -12.91 4.79 0.28
N LEU A 217 -14.14 4.32 0.11
CA LEU A 217 -14.99 3.87 1.23
C LEU A 217 -15.61 2.49 0.94
N LEU A 218 -15.07 1.46 1.57
CA LEU A 218 -15.53 0.09 1.33
C LEU A 218 -16.79 -0.20 2.15
N HIS A 219 -17.92 -0.37 1.48
CA HIS A 219 -19.13 -0.90 2.13
C HIS A 219 -19.19 -2.42 1.98
N ASN A 220 -18.54 -2.97 0.96
CA ASN A 220 -18.50 -4.42 0.78
C ASN A 220 -17.30 -4.85 -0.03
N ILE A 221 -16.71 -5.97 0.40
CA ILE A 221 -15.48 -6.52 -0.21
C ILE A 221 -15.72 -7.49 -1.38
N ILE A 222 -16.80 -8.29 -1.34
CA ILE A 222 -17.06 -9.28 -2.41
C ILE A 222 -17.40 -8.68 -3.77
N TYR A 223 -17.91 -7.45 -3.78
CA TYR A 223 -18.27 -6.76 -5.02
C TYR A 223 -17.11 -5.84 -5.43
N GLN A 224 -16.33 -6.31 -6.42
CA GLN A 224 -15.04 -5.71 -6.81
C GLN A 224 -14.94 -5.15 -8.24
N GLY A 225 -16.00 -5.28 -9.04
CA GLY A 225 -15.96 -4.86 -10.45
C GLY A 225 -14.98 -5.68 -11.27
N ARG A 226 -15.11 -7.00 -11.17
CA ARG A 226 -14.27 -7.93 -11.91
C ARG A 226 -14.88 -8.23 -13.27
N PHE A 227 -14.23 -7.79 -14.33
CA PHE A 227 -14.76 -7.86 -15.70
C PHE A 227 -13.76 -8.47 -16.65
N PRO A 228 -14.23 -9.00 -17.80
CA PRO A 228 -13.26 -9.52 -18.79
C PRO A 228 -12.30 -8.45 -19.32
N LEU A 229 -11.11 -8.91 -19.71
CA LEU A 229 -9.98 -8.02 -20.05
C LEU A 229 -10.23 -7.21 -21.32
N GLU A 230 -11.04 -7.75 -22.24
CA GLU A 230 -11.39 -7.06 -23.48
C GLU A 230 -12.25 -5.79 -23.32
N PHE A 231 -12.83 -5.58 -22.14
CA PHE A 231 -13.47 -4.29 -21.80
C PHE A 231 -12.49 -3.14 -21.52
N TRP A 232 -11.19 -3.44 -21.43
CA TRP A 232 -10.14 -2.41 -21.21
C TRP A 232 -10.20 -1.19 -22.16
N PRO A 233 -10.18 -1.43 -23.49
CA PRO A 233 -10.26 -0.32 -24.45
C PRO A 233 -11.39 0.65 -24.17
N ALA A 234 -12.56 0.11 -23.81
CA ALA A 234 -13.74 0.93 -23.55
C ALA A 234 -13.65 1.91 -22.35
N LEU A 235 -12.64 1.77 -21.50
CA LEU A 235 -12.55 2.61 -20.30
C LEU A 235 -11.98 4.00 -20.57
N ASN A 236 -11.11 4.13 -21.56
CA ASN A 236 -10.49 5.43 -21.91
C ASN A 236 -9.60 5.98 -20.78
N LEU A 237 -8.80 5.07 -20.22
CA LEU A 237 -7.68 5.41 -19.37
C LEU A 237 -6.42 5.26 -20.22
N PRO A 238 -5.37 6.05 -19.92
CA PRO A 238 -4.07 5.86 -20.55
C PRO A 238 -3.55 4.44 -20.42
N GLU A 239 -2.66 4.06 -21.34
CA GLU A 239 -2.14 2.69 -21.39
C GLU A 239 -1.17 2.35 -20.22
N ALA A 240 -0.58 3.38 -19.61
CA ALA A 240 0.21 3.20 -18.39
C ALA A 240 -0.62 2.64 -17.25
N ALA A 241 -1.84 3.15 -17.11
CA ALA A 241 -2.76 2.73 -16.05
C ALA A 241 -3.43 1.36 -16.25
N LYS A 242 -3.17 0.65 -17.35
CA LYS A 242 -3.66 -0.73 -17.51
C LYS A 242 -3.12 -1.71 -16.46
N LYS A 243 -1.89 -1.46 -16.01
CA LYS A 243 -1.21 -2.29 -15.00
C LYS A 243 -1.97 -2.42 -13.67
N ASP A 244 -2.67 -1.36 -13.30
CA ASP A 244 -3.43 -1.31 -12.05
C ASP A 244 -4.79 -2.00 -12.12
N LEU A 245 -5.36 -2.11 -13.32
CA LEU A 245 -6.61 -2.83 -13.48
C LEU A 245 -6.39 -4.33 -13.67
N VAL A 246 -5.36 -4.73 -14.41
CA VAL A 246 -5.15 -6.16 -14.68
C VAL A 246 -4.97 -6.94 -13.36
N PHE A 247 -5.52 -8.16 -13.32
CA PHE A 247 -5.69 -8.91 -12.07
C PHE A 247 -5.80 -10.41 -12.35
N GLU A 248 -5.26 -11.23 -11.44
CA GLU A 248 -5.26 -12.68 -11.61
C GLU A 248 -5.89 -13.43 -10.43
N SER A 249 -6.84 -14.31 -10.76
CA SER A 249 -7.49 -15.18 -9.76
C SER A 249 -8.11 -16.40 -10.45
N CYS A 250 -8.53 -17.36 -9.64
CA CYS A 250 -9.21 -18.56 -10.13
C CYS A 250 -10.72 -18.43 -10.01
N PHE A 251 -11.19 -17.37 -9.36
CA PHE A 251 -12.60 -17.13 -9.14
C PHE A 251 -12.97 -15.90 -9.95
N ALA A 252 -13.82 -16.10 -10.95
CA ALA A 252 -14.41 -15.02 -11.74
C ALA A 252 -15.90 -15.05 -11.52
N PRO A 253 -16.56 -13.87 -11.51
CA PRO A 253 -18.02 -13.86 -11.45
C PRO A 253 -18.56 -14.44 -12.75
N PRO A 254 -19.87 -14.75 -12.80
CA PRO A 254 -20.37 -15.52 -13.96
C PRO A 254 -20.24 -14.78 -15.30
N PRO A 255 -20.26 -15.53 -16.43
CA PRO A 255 -20.11 -14.87 -17.74
C PRO A 255 -21.23 -13.84 -18.00
N LEU A 256 -20.85 -12.64 -18.44
CA LEU A 256 -21.77 -11.50 -18.44
C LEU A 256 -22.66 -11.53 -19.68
N ASP A 257 -23.54 -12.53 -19.76
CA ASP A 257 -24.34 -12.81 -20.97
C ASP A 257 -25.83 -12.52 -20.79
N GLY A 258 -26.40 -13.07 -19.72
CA GLY A 258 -27.84 -12.98 -19.48
C GLY A 258 -28.28 -14.05 -18.50
N ILE A 259 -28.29 -15.30 -18.95
CA ILE A 259 -28.93 -16.37 -18.15
C ILE A 259 -28.07 -16.95 -17.00
N SER A 260 -26.75 -17.00 -17.15
CA SER A 260 -25.89 -17.72 -16.18
C SER A 260 -25.60 -16.91 -14.91
N GLU A 261 -25.53 -17.62 -13.79
CA GLU A 261 -25.16 -17.03 -12.49
C GLU A 261 -24.36 -18.04 -11.64
N GLN A 262 -23.40 -18.71 -12.29
CA GLN A 262 -22.54 -19.67 -11.63
C GLN A 262 -21.07 -19.28 -11.85
N PRO A 263 -20.46 -18.57 -10.87
CA PRO A 263 -19.05 -18.22 -10.95
C PRO A 263 -18.15 -19.39 -11.36
N ILE A 264 -17.65 -19.32 -12.59
CA ILE A 264 -16.61 -20.24 -13.09
C ILE A 264 -15.38 -20.29 -12.18
N ILE A 265 -14.76 -21.48 -12.06
CA ILE A 265 -13.56 -21.68 -11.22
C ILE A 265 -12.51 -22.54 -11.92
N SER A 266 -11.44 -21.90 -12.39
CA SER A 266 -10.36 -22.56 -13.10
C SER A 266 -9.26 -22.99 -12.15
N LEU A 267 -8.43 -23.94 -12.57
CA LEU A 267 -7.29 -24.41 -11.77
C LEU A 267 -6.14 -23.40 -11.86
N LYS A 268 -5.68 -23.11 -13.07
CA LYS A 268 -4.73 -22.00 -13.29
C LYS A 268 -5.50 -20.67 -13.24
N PRO A 269 -4.96 -19.65 -12.56
CA PRO A 269 -5.68 -18.40 -12.42
C PRO A 269 -5.84 -17.66 -13.74
N MET A 270 -6.99 -17.03 -13.93
CA MET A 270 -7.34 -16.32 -15.15
C MET A 270 -6.83 -14.88 -15.11
N ALA A 271 -6.74 -14.26 -16.29
CA ALA A 271 -6.54 -12.82 -16.40
C ALA A 271 -7.91 -12.14 -16.56
N MET A 272 -8.11 -11.05 -15.83
CA MET A 272 -9.36 -10.27 -15.90
C MET A 272 -9.12 -8.87 -15.30
N MET A 273 -10.15 -8.04 -15.25
CA MET A 273 -10.06 -6.70 -14.66
C MET A 273 -10.52 -6.70 -13.22
N ASN A 274 -10.28 -5.58 -12.52
CA ASN A 274 -10.68 -5.41 -11.14
C ASN A 274 -10.65 -3.93 -10.76
N PHE A 275 -11.81 -3.28 -10.86
CA PHE A 275 -11.94 -1.85 -10.55
C PHE A 275 -11.54 -1.55 -9.12
N LEU A 276 -11.88 -2.46 -8.21
CA LEU A 276 -11.68 -2.25 -6.78
C LEU A 276 -10.21 -2.21 -6.40
N GLN A 277 -9.40 -3.07 -7.01
CA GLN A 277 -7.96 -3.03 -6.74
C GLN A 277 -7.41 -1.65 -7.12
N ALA A 278 -7.80 -1.14 -8.30
CA ALA A 278 -7.37 0.19 -8.76
C ALA A 278 -7.90 1.35 -7.90
N GLY A 279 -9.02 1.10 -7.21
CA GLY A 279 -9.48 1.96 -6.14
C GLY A 279 -8.49 1.96 -4.98
N PHE A 280 -8.11 0.76 -4.54
CA PHE A 280 -7.13 0.62 -3.46
C PHE A 280 -5.76 1.18 -3.84
N ILE A 281 -5.30 0.93 -5.07
CA ILE A 281 -3.99 1.39 -5.51
C ILE A 281 -3.91 2.94 -5.43
N HIS A 282 -4.88 3.64 -6.02
CA HIS A 282 -4.78 5.09 -6.19
C HIS A 282 -5.50 5.96 -5.17
N ALA A 283 -6.23 5.34 -4.24
CA ALA A 283 -6.93 6.11 -3.21
C ALA A 283 -5.91 6.68 -2.23
N ASP A 284 -6.04 7.97 -1.93
CA ASP A 284 -5.15 8.63 -0.98
C ASP A 284 -5.47 8.25 0.48
N ARG A 285 -6.55 7.50 0.71
CA ARG A 285 -6.84 6.83 2.01
C ARG A 285 -7.97 5.81 1.81
N ILE A 286 -7.91 4.67 2.52
CA ILE A 286 -9.05 3.72 2.53
C ILE A 286 -9.80 3.81 3.86
N CYS A 287 -11.13 3.94 3.80
CA CYS A 287 -11.98 3.77 4.99
C CYS A 287 -12.89 2.57 4.76
N THR A 288 -13.53 2.12 5.84
CA THR A 288 -14.58 1.09 5.74
C THR A 288 -15.61 1.34 6.85
N VAL A 289 -16.64 0.49 6.90
CA VAL A 289 -17.88 0.80 7.65
C VAL A 289 -18.01 0.12 9.03
N SER A 290 -16.87 -0.23 9.64
CA SER A 290 -16.85 -0.95 10.92
C SER A 290 -15.39 -1.24 11.34
N PRO A 291 -15.04 -0.95 12.62
CA PRO A 291 -13.73 -1.34 13.19
C PRO A 291 -13.42 -2.84 13.08
N GLN A 292 -14.42 -3.67 13.41
CA GLN A 292 -14.29 -5.13 13.31
C GLN A 292 -14.13 -5.60 11.86
N PHE A 293 -14.94 -5.05 10.96
CA PHE A 293 -14.87 -5.40 9.54
C PHE A 293 -13.56 -4.95 8.91
N ALA A 294 -13.09 -3.77 9.29
CA ALA A 294 -11.76 -3.31 8.89
C ALA A 294 -10.71 -4.39 9.19
N ALA A 295 -10.80 -4.96 10.40
CA ALA A 295 -9.89 -6.04 10.79
C ALA A 295 -10.03 -7.29 9.92
N GLU A 296 -11.26 -7.63 9.57
CA GLU A 296 -11.55 -8.86 8.82
C GLU A 296 -11.08 -8.80 7.36
N VAL A 297 -10.97 -7.59 6.82
CA VAL A 297 -10.53 -7.40 5.41
C VAL A 297 -8.99 -7.46 5.29
N ALA A 298 -8.30 -6.87 6.26
CA ALA A 298 -6.85 -7.00 6.37
C ALA A 298 -6.38 -8.43 6.68
N SER A 299 -7.25 -9.24 7.30
CA SER A 299 -6.88 -10.55 7.83
C SER A 299 -6.37 -11.60 6.84
N GLY A 300 -6.67 -11.49 5.55
CA GLY A 300 -6.16 -12.46 4.58
C GLY A 300 -7.08 -12.69 3.39
N PRO A 301 -6.75 -13.69 2.53
CA PRO A 301 -7.49 -13.81 1.28
C PRO A 301 -8.94 -14.30 1.43
N ARG A 302 -9.30 -14.90 2.57
CA ARG A 302 -10.70 -15.21 2.82
C ARG A 302 -11.46 -13.91 3.10
N GLY A 303 -11.05 -13.21 4.16
CA GLY A 303 -11.70 -11.97 4.58
C GLY A 303 -11.50 -10.76 3.67
N GLY A 304 -10.46 -10.79 2.84
CA GLY A 304 -10.24 -9.76 1.81
C GLY A 304 -10.56 -10.19 0.39
N VAL A 305 -11.29 -11.32 0.26
CA VAL A 305 -11.70 -11.90 -1.04
C VAL A 305 -10.52 -12.37 -1.90
N GLU A 306 -9.74 -11.44 -2.43
CA GLU A 306 -8.35 -11.73 -2.83
C GLU A 306 -7.46 -10.47 -2.83
N LEU A 307 -7.89 -9.43 -2.11
CA LEU A 307 -7.30 -8.10 -2.15
C LEU A 307 -6.60 -7.70 -0.84
N ASP A 308 -6.62 -8.59 0.15
CA ASP A 308 -5.98 -8.38 1.46
C ASP A 308 -4.67 -7.58 1.48
N LYS A 309 -3.76 -7.87 0.56
CA LYS A 309 -2.39 -7.34 0.62
C LYS A 309 -2.23 -5.85 0.29
N TYR A 310 -3.22 -5.23 -0.36
CA TYR A 310 -3.22 -3.77 -0.53
C TYR A 310 -3.72 -3.09 0.73
N ILE A 311 -4.81 -3.63 1.30
CA ILE A 311 -5.44 -3.07 2.50
C ILE A 311 -4.48 -3.15 3.66
N ARG A 312 -3.88 -4.33 3.86
CA ARG A 312 -2.94 -4.56 4.95
C ARG A 312 -1.68 -3.68 4.79
N ALA A 313 -1.22 -3.53 3.54
CA ALA A 313 -0.11 -2.62 3.23
C ALA A 313 -0.44 -1.16 3.53
N LYS A 314 -1.57 -0.67 3.00
CA LYS A 314 -1.94 0.75 3.07
C LYS A 314 -2.61 1.16 4.37
N GLY A 315 -3.45 0.28 4.92
CA GLY A 315 -4.23 0.58 6.12
C GLY A 315 -5.66 0.97 5.82
N ILE A 316 -6.55 0.68 6.76
CA ILE A 316 -7.98 0.87 6.57
C ILE A 316 -8.65 1.24 7.91
N THR A 317 -9.25 2.43 7.96
CA THR A 317 -9.88 2.94 9.17
C THR A 317 -11.36 2.53 9.20
N GLY A 318 -11.75 1.78 10.23
CA GLY A 318 -13.15 1.38 10.42
C GLY A 318 -13.94 2.44 11.18
N ILE A 319 -14.94 3.01 10.53
CA ILE A 319 -15.88 3.93 11.16
C ILE A 319 -17.27 3.33 11.01
N MET A 320 -17.82 2.81 12.11
CA MET A 320 -19.11 2.13 12.05
C MET A 320 -20.23 3.08 11.69
N ASN A 321 -21.19 2.59 10.91
CA ASN A 321 -22.32 3.42 10.45
C ASN A 321 -23.20 3.87 11.61
N GLY A 322 -23.64 5.12 11.53
CA GLY A 322 -24.76 5.63 12.32
C GLY A 322 -26.10 5.41 11.64
N MET A 323 -27.08 6.17 12.10
CA MET A 323 -28.49 6.04 11.74
C MET A 323 -29.09 7.44 11.75
N ASP A 324 -30.26 7.63 11.14
CA ASP A 324 -30.97 8.89 11.26
C ASP A 324 -31.89 8.91 12.50
N ILE A 325 -31.54 9.76 13.46
CA ILE A 325 -32.30 9.90 14.72
C ILE A 325 -33.65 10.61 14.52
N GLU A 326 -33.69 11.64 13.68
CA GLU A 326 -34.93 12.33 13.35
C GLU A 326 -35.96 11.32 12.79
N MET A 327 -35.53 10.50 11.84
CA MET A 327 -36.41 9.55 11.15
C MET A 327 -36.76 8.34 12.02
N TRP A 328 -35.74 7.67 12.55
CA TRP A 328 -35.93 6.53 13.46
C TRP A 328 -35.94 7.00 14.90
N ASP A 329 -37.14 7.23 15.42
CA ASP A 329 -37.35 7.71 16.78
C ASP A 329 -38.75 7.29 17.21
N ALA A 330 -38.83 6.17 17.91
CA ALA A 330 -40.12 5.62 18.34
C ALA A 330 -40.85 6.45 19.40
N SER A 331 -40.19 7.43 20.02
CA SER A 331 -40.87 8.40 20.87
C SER A 331 -41.74 9.36 20.04
N LYS A 332 -41.36 9.59 18.79
CA LYS A 332 -41.97 10.62 17.93
C LYS A 332 -42.27 10.15 16.49
N ASP A 333 -42.25 8.83 16.25
CA ASP A 333 -42.32 8.26 14.89
C ASP A 333 -43.65 8.55 14.21
N LYS A 334 -43.58 8.72 12.90
CA LYS A 334 -44.75 8.95 12.05
C LYS A 334 -45.60 7.70 11.96
N PHE A 335 -44.97 6.57 11.61
CA PHE A 335 -45.71 5.35 11.22
C PHE A 335 -46.17 4.47 12.39
N LEU A 336 -46.18 5.01 13.62
CA LEU A 336 -46.51 4.25 14.82
C LEU A 336 -47.81 4.75 15.45
N VAL A 337 -48.61 3.79 15.95
CA VAL A 337 -49.91 4.08 16.55
C VAL A 337 -49.68 4.64 17.95
N THR A 338 -48.96 3.87 18.77
CA THR A 338 -48.51 4.29 20.10
C THR A 338 -47.01 4.52 20.05
N LYS A 339 -46.59 5.75 20.35
CA LYS A 339 -45.18 6.13 20.42
C LYS A 339 -44.65 5.98 21.84
N TYR A 340 -43.42 5.47 21.97
CA TYR A 340 -42.83 5.09 23.27
C TYR A 340 -41.35 5.47 23.40
N THR A 341 -40.95 5.76 24.64
CA THR A 341 -39.55 5.98 25.00
C THR A 341 -38.98 4.71 25.62
N ALA A 342 -37.73 4.77 26.05
CA ALA A 342 -37.10 3.70 26.83
C ALA A 342 -37.74 3.52 28.24
N SER A 343 -38.30 4.59 28.79
CA SER A 343 -39.00 4.53 30.10
C SER A 343 -40.35 3.82 30.00
N SER A 344 -40.99 3.88 28.83
CA SER A 344 -42.32 3.33 28.61
C SER A 344 -42.32 2.24 27.53
N VAL A 345 -41.35 1.33 27.58
CA VAL A 345 -41.19 0.34 26.49
C VAL A 345 -42.29 -0.71 26.56
N ASP A 346 -42.27 -1.53 27.59
CA ASP A 346 -43.16 -2.70 27.75
C ASP A 346 -44.55 -2.47 27.15
N GLU A 347 -45.16 -1.33 27.54
CA GLU A 347 -46.49 -0.97 27.07
C GLU A 347 -46.51 -0.66 25.58
N GLY A 348 -45.60 0.22 25.14
CA GLY A 348 -45.53 0.68 23.75
C GLY A 348 -45.32 -0.41 22.72
N LYS A 349 -44.40 -1.33 22.99
CA LYS A 349 -44.10 -2.42 22.05
C LYS A 349 -45.28 -3.38 21.90
N ALA A 350 -45.78 -3.90 23.02
CA ALA A 350 -46.92 -4.84 23.01
C ALA A 350 -48.17 -4.24 22.36
N ALA A 351 -48.31 -2.92 22.42
CA ALA A 351 -49.37 -2.20 21.68
C ALA A 351 -49.14 -2.23 20.16
N ASN A 352 -47.91 -1.93 19.75
CA ASN A 352 -47.48 -2.00 18.33
C ASN A 352 -47.29 -3.43 17.80
N LYS A 353 -47.26 -4.40 18.71
CA LYS A 353 -47.18 -5.82 18.37
C LYS A 353 -48.55 -6.35 17.94
N ALA A 354 -49.59 -5.94 18.66
CA ALA A 354 -50.97 -6.25 18.28
C ALA A 354 -51.24 -5.80 16.85
N VAL A 355 -50.89 -4.53 16.59
CA VAL A 355 -50.97 -3.92 15.26
C VAL A 355 -50.26 -4.80 14.23
N LEU A 356 -49.04 -5.19 14.55
CA LEU A 356 -48.21 -6.03 13.68
C LEU A 356 -48.84 -7.40 13.48
N GLN A 357 -49.13 -8.10 14.56
CA GLN A 357 -49.75 -9.43 14.51
C GLN A 357 -51.01 -9.43 13.66
N ALA A 358 -51.83 -8.39 13.85
CA ALA A 358 -53.04 -8.20 13.07
C ALA A 358 -52.75 -7.99 11.57
N GLU A 359 -51.84 -7.07 11.28
CA GLU A 359 -51.47 -6.73 9.89
C GLU A 359 -50.90 -7.90 9.09
N MET A 360 -50.11 -8.75 9.74
CA MET A 360 -49.57 -9.95 9.11
C MET A 360 -50.62 -11.07 9.12
N GLY A 361 -51.42 -11.10 10.17
CA GLY A 361 -52.42 -12.14 10.34
C GLY A 361 -51.81 -13.32 11.06
N LEU A 362 -51.30 -13.04 12.26
CA LEU A 362 -50.87 -14.05 13.20
C LEU A 362 -51.85 -13.96 14.34
N LYS A 363 -51.98 -15.03 15.11
CA LYS A 363 -52.81 -14.97 16.33
C LYS A 363 -52.33 -13.79 17.17
N VAL A 364 -53.28 -12.97 17.65
CA VAL A 364 -52.95 -11.81 18.49
C VAL A 364 -52.80 -12.26 19.94
N SER A 365 -51.62 -12.79 20.24
CA SER A 365 -51.25 -13.28 21.55
C SER A 365 -50.09 -12.43 22.03
N PRO A 366 -50.29 -11.60 23.07
CA PRO A 366 -49.16 -10.79 23.56
C PRO A 366 -48.02 -11.60 24.22
N THR A 367 -48.33 -12.79 24.76
CA THR A 367 -47.32 -13.64 25.45
C THR A 367 -46.52 -14.56 24.52
N THR A 368 -46.90 -14.65 23.25
CA THR A 368 -46.16 -15.46 22.25
C THR A 368 -44.97 -14.63 21.72
N PRO A 369 -43.76 -15.21 21.68
CA PRO A 369 -42.61 -14.44 21.18
C PRO A 369 -42.71 -14.14 19.69
N LEU A 370 -42.13 -13.02 19.28
CA LEU A 370 -42.14 -12.57 17.88
C LEU A 370 -40.73 -12.26 17.35
N ILE A 371 -40.22 -13.17 16.51
CA ILE A 371 -38.92 -13.03 15.86
C ILE A 371 -39.12 -12.38 14.48
N ALA A 372 -38.24 -11.44 14.13
CA ALA A 372 -38.30 -10.72 12.85
C ALA A 372 -37.00 -10.87 12.07
N PHE A 373 -37.09 -11.25 10.80
CA PHE A 373 -35.95 -11.30 9.88
C PHE A 373 -36.09 -10.23 8.85
N VAL A 374 -35.04 -9.43 8.64
CA VAL A 374 -35.01 -8.47 7.53
C VAL A 374 -33.64 -8.55 6.85
N GLY A 375 -33.67 -8.58 5.51
CA GLY A 375 -32.46 -8.62 4.69
C GLY A 375 -32.69 -9.23 3.33
N ARG A 376 -31.76 -8.99 2.41
CA ARG A 376 -31.86 -9.47 1.03
C ARG A 376 -31.86 -10.98 0.96
N LEU A 377 -32.58 -11.50 -0.02
CA LEU A 377 -32.81 -12.94 -0.14
C LEU A 377 -31.71 -13.60 -0.96
N ASP A 378 -30.55 -13.75 -0.33
CA ASP A 378 -29.42 -14.49 -0.92
C ASP A 378 -28.48 -15.00 0.17
N ASP A 379 -27.39 -15.65 -0.25
CA ASP A 379 -26.43 -16.30 0.66
C ASP A 379 -25.85 -15.43 1.80
N GLN A 380 -25.49 -14.18 1.51
CA GLN A 380 -24.85 -13.29 2.51
C GLN A 380 -25.64 -13.11 3.80
N LYS A 381 -26.96 -12.91 3.67
CA LYS A 381 -27.82 -12.56 4.81
C LYS A 381 -28.37 -13.79 5.56
N GLY A 382 -28.37 -14.94 4.89
CA GLY A 382 -28.59 -16.23 5.53
C GLY A 382 -30.04 -16.67 5.62
N ALA A 383 -30.82 -16.36 4.59
CA ALA A 383 -32.23 -16.74 4.56
C ALA A 383 -32.36 -18.27 4.41
N ASP A 384 -31.75 -18.81 3.36
CA ASP A 384 -31.77 -20.26 3.04
C ASP A 384 -31.66 -21.23 4.24
N CYS A 385 -30.80 -20.92 5.21
CA CYS A 385 -30.67 -21.74 6.43
C CYS A 385 -31.84 -21.45 7.38
N MET A 386 -31.99 -20.19 7.75
CA MET A 386 -33.09 -19.70 8.59
C MET A 386 -34.47 -20.28 8.25
N VAL A 387 -34.77 -20.37 6.96
CA VAL A 387 -36.02 -20.94 6.45
C VAL A 387 -36.06 -22.45 6.66
N GLU A 388 -34.92 -23.13 6.47
CA GLU A 388 -34.83 -24.55 6.83
C GLU A 388 -35.08 -24.74 8.33
N ALA A 389 -34.66 -23.76 9.14
CA ALA A 389 -34.83 -23.79 10.61
C ALA A 389 -36.21 -23.38 11.14
N MET A 390 -37.22 -23.28 10.27
CA MET A 390 -38.51 -22.69 10.66
C MET A 390 -39.33 -23.56 11.63
N PRO A 391 -39.49 -24.88 11.36
CA PRO A 391 -40.27 -25.71 12.30
C PRO A 391 -39.80 -25.57 13.75
N TYR A 392 -38.50 -25.68 13.99
CA TYR A 392 -37.93 -25.55 15.34
C TYR A 392 -38.28 -24.23 16.03
N LEU A 393 -38.36 -23.15 15.25
CA LEU A 393 -38.67 -21.81 15.79
C LEU A 393 -40.14 -21.67 16.24
N VAL A 394 -41.07 -22.25 15.47
CA VAL A 394 -42.50 -22.17 15.79
C VAL A 394 -42.98 -23.41 16.54
N ASN A 395 -42.77 -24.61 15.96
CA ASN A 395 -43.28 -25.87 16.53
C ASN A 395 -42.66 -26.26 17.88
N THR A 396 -41.40 -25.90 18.10
CA THR A 396 -40.65 -26.36 19.27
C THR A 396 -40.33 -25.25 20.27
N LEU A 397 -39.92 -24.07 19.79
CA LEU A 397 -39.71 -22.90 20.65
C LEU A 397 -41.02 -22.20 21.00
N GLY A 398 -41.95 -22.15 20.05
CA GLY A 398 -43.27 -21.53 20.23
C GLY A 398 -43.48 -20.19 19.54
N ALA A 399 -42.41 -19.54 19.09
CA ALA A 399 -42.47 -18.16 18.64
C ALA A 399 -43.18 -17.97 17.29
N GLN A 400 -43.59 -16.74 17.02
CA GLN A 400 -44.07 -16.30 15.71
C GLN A 400 -42.90 -15.68 14.96
N VAL A 401 -42.92 -15.77 13.63
CA VAL A 401 -41.78 -15.32 12.80
C VAL A 401 -42.23 -14.53 11.55
N VAL A 402 -41.96 -13.22 11.57
CA VAL A 402 -42.18 -12.34 10.43
C VAL A 402 -40.89 -12.29 9.58
N CYS A 403 -41.05 -12.23 8.26
CA CYS A 403 -39.93 -12.40 7.33
C CYS A 403 -39.97 -11.47 6.11
N TYR A 404 -39.30 -10.32 6.22
CA TYR A 404 -39.19 -9.37 5.12
C TYR A 404 -37.91 -9.62 4.31
N GLY A 405 -37.99 -9.48 3.00
CA GLY A 405 -36.84 -9.68 2.13
C GLY A 405 -37.21 -9.69 0.66
N SER A 406 -36.23 -9.36 -0.18
CA SER A 406 -36.41 -9.35 -1.64
C SER A 406 -35.07 -9.67 -2.30
N GLY A 407 -35.13 -10.55 -3.30
CA GLY A 407 -33.94 -11.09 -3.94
C GLY A 407 -34.29 -12.30 -4.77
N ARG A 408 -33.45 -13.33 -4.73
CA ARG A 408 -33.55 -14.49 -5.62
C ARG A 408 -34.93 -15.15 -5.65
N GLU A 409 -35.25 -15.73 -6.81
CA GLU A 409 -36.56 -16.36 -7.05
C GLU A 409 -36.84 -17.58 -6.15
N ASP A 410 -35.78 -18.29 -5.74
CA ASP A 410 -35.92 -19.47 -4.87
C ASP A 410 -36.44 -19.10 -3.47
N MET A 411 -35.73 -18.22 -2.78
CA MET A 411 -36.10 -17.84 -1.39
C MET A 411 -37.34 -16.94 -1.32
N ALA A 412 -37.61 -16.17 -2.37
CA ALA A 412 -38.86 -15.40 -2.47
C ALA A 412 -40.09 -16.30 -2.52
N ALA A 413 -39.95 -17.42 -3.23
CA ALA A 413 -41.00 -18.44 -3.34
C ALA A 413 -41.32 -19.09 -1.99
N LYS A 414 -40.27 -19.52 -1.30
CA LYS A 414 -40.40 -20.15 0.01
C LYS A 414 -40.96 -19.18 1.08
N PHE A 415 -40.57 -17.91 1.01
CA PHE A 415 -41.09 -16.88 1.93
C PHE A 415 -42.62 -16.70 1.85
N LYS A 416 -43.15 -16.54 0.64
CA LYS A 416 -44.60 -16.38 0.46
C LYS A 416 -45.39 -17.59 0.97
N ALA A 417 -44.86 -18.80 0.76
CA ALA A 417 -45.52 -20.04 1.21
C ALA A 417 -45.35 -20.38 2.71
N LEU A 418 -44.75 -19.48 3.51
CA LEU A 418 -44.61 -19.69 4.95
C LEU A 418 -45.95 -19.64 5.66
N GLU A 419 -46.72 -18.59 5.38
CA GLU A 419 -48.05 -18.41 5.98
C GLU A 419 -49.06 -19.50 5.63
N LYS A 420 -48.85 -20.18 4.50
CA LYS A 420 -49.63 -21.38 4.17
C LYS A 420 -49.26 -22.55 5.08
N GLN A 421 -47.97 -22.89 5.13
CA GLN A 421 -47.49 -24.07 5.87
C GLN A 421 -47.53 -23.93 7.40
N PHE A 422 -47.44 -22.70 7.91
CA PHE A 422 -47.54 -22.41 9.34
C PHE A 422 -48.68 -21.41 9.58
N PRO A 423 -49.94 -21.85 9.35
CA PRO A 423 -51.07 -20.92 9.30
C PRO A 423 -51.22 -20.08 10.57
N GLY A 424 -51.13 -18.77 10.41
CA GLY A 424 -51.30 -17.83 11.51
C GLY A 424 -50.19 -17.81 12.53
N MET A 425 -49.06 -18.46 12.23
CA MET A 425 -47.87 -18.46 13.10
C MET A 425 -46.60 -17.95 12.39
N ALA A 426 -46.74 -17.46 11.16
CA ALA A 426 -45.62 -16.98 10.36
C ALA A 426 -46.10 -16.26 9.11
N LYS A 427 -45.39 -15.22 8.70
CA LYS A 427 -45.65 -14.56 7.42
C LYS A 427 -44.36 -14.17 6.73
N GLY A 428 -44.40 -14.19 5.40
CA GLY A 428 -43.30 -13.75 4.55
C GLY A 428 -43.72 -12.68 3.54
N LYS A 429 -43.35 -11.44 3.84
CA LYS A 429 -43.61 -10.29 2.96
C LYS A 429 -42.43 -10.02 2.01
N THR A 430 -42.56 -10.40 0.73
CA THR A 430 -41.60 -9.96 -0.30
C THR A 430 -42.26 -8.84 -1.12
N ALA A 431 -41.60 -7.69 -1.18
CA ALA A 431 -42.20 -6.41 -1.59
C ALA A 431 -42.87 -5.74 -0.38
N PHE A 432 -42.46 -4.52 -0.09
CA PHE A 432 -42.88 -3.81 1.12
C PHE A 432 -42.50 -2.33 1.03
N VAL A 433 -42.99 -1.56 1.98
CA VAL A 433 -42.85 -0.10 2.00
C VAL A 433 -41.98 0.33 3.18
N PRO A 434 -41.29 1.48 3.07
CA PRO A 434 -40.68 2.12 4.24
C PRO A 434 -41.52 2.07 5.53
N LYS A 435 -42.82 2.41 5.44
CA LYS A 435 -43.74 2.35 6.59
C LYS A 435 -43.82 0.99 7.28
N GLU A 436 -43.63 -0.08 6.50
CA GLU A 436 -43.83 -1.46 6.96
C GLU A 436 -42.66 -1.97 7.80
N GLU A 437 -41.46 -1.44 7.54
CA GLU A 437 -40.26 -1.76 8.30
C GLU A 437 -40.22 -1.09 9.68
N HIS A 438 -40.90 0.05 9.87
CA HIS A 438 -40.95 0.71 11.20
C HIS A 438 -41.85 -0.04 12.19
N THR A 439 -43.07 -0.39 11.76
CA THR A 439 -44.00 -1.15 12.62
C THR A 439 -43.42 -2.51 12.99
N LEU A 440 -42.73 -3.14 12.04
CA LEU A 440 -42.06 -4.42 12.27
C LEU A 440 -41.04 -4.38 13.41
N MET A 441 -40.30 -3.29 13.54
CA MET A 441 -39.31 -3.16 14.62
C MET A 441 -39.97 -2.97 15.97
N ALA A 442 -40.87 -2.00 16.05
CA ALA A 442 -41.56 -1.71 17.30
C ALA A 442 -42.41 -2.89 17.79
N GLY A 443 -42.89 -3.72 16.86
CA GLY A 443 -43.70 -4.90 17.19
C GLY A 443 -42.91 -6.14 17.58
N ALA A 444 -41.76 -6.35 16.92
CA ALA A 444 -40.96 -7.55 17.15
C ALA A 444 -40.32 -7.55 18.54
N ASP A 445 -40.34 -8.72 19.19
CA ASP A 445 -39.67 -8.92 20.47
C ASP A 445 -38.17 -9.07 20.24
N TYR A 446 -37.85 -9.99 19.33
CA TYR A 446 -36.50 -10.36 18.94
C TYR A 446 -36.29 -10.11 17.44
N VAL A 447 -35.08 -9.65 17.06
CA VAL A 447 -34.70 -9.53 15.62
C VAL A 447 -33.53 -10.49 15.30
N LEU A 448 -33.62 -11.12 14.13
CA LEU A 448 -32.72 -12.21 13.75
C LEU A 448 -31.93 -11.88 12.49
N MET A 449 -30.60 -11.99 12.58
CA MET A 449 -29.70 -11.81 11.43
C MET A 449 -28.71 -12.98 11.42
N PRO A 450 -28.95 -13.99 10.57
CA PRO A 450 -28.05 -15.15 10.44
C PRO A 450 -27.04 -14.98 9.30
N SER A 451 -26.32 -13.86 9.27
CA SER A 451 -25.47 -13.50 8.12
C SER A 451 -24.14 -14.28 8.09
N ARG A 452 -23.68 -14.60 6.89
CA ARG A 452 -22.37 -15.23 6.67
C ARG A 452 -21.26 -14.23 7.04
N PHE A 453 -21.47 -12.98 6.63
CA PHE A 453 -20.61 -11.87 7.00
C PHE A 453 -21.39 -10.57 6.88
N GLU A 454 -21.01 -9.56 7.66
CA GLU A 454 -21.72 -8.28 7.64
C GLU A 454 -20.75 -7.11 7.87
N PRO A 455 -20.38 -6.39 6.79
CA PRO A 455 -19.55 -5.19 6.86
C PRO A 455 -19.97 -4.18 7.91
N CYS A 456 -21.28 -4.00 8.08
CA CYS A 456 -21.82 -3.31 9.25
C CYS A 456 -23.19 -3.84 9.61
N GLY A 457 -24.15 -3.65 8.70
CA GLY A 457 -25.55 -3.98 8.95
C GLY A 457 -26.24 -2.79 9.58
N LEU A 458 -27.50 -2.58 9.19
CA LEU A 458 -28.33 -1.47 9.68
C LEU A 458 -29.63 -1.94 10.37
N VAL A 459 -30.15 -3.12 10.01
CA VAL A 459 -31.41 -3.59 10.59
C VAL A 459 -31.27 -3.92 12.09
N GLN A 460 -30.09 -4.34 12.53
CA GLN A 460 -29.83 -4.56 13.96
C GLN A 460 -29.68 -3.24 14.72
N LEU A 461 -29.09 -2.24 14.06
CA LEU A 461 -29.02 -0.90 14.63
C LEU A 461 -30.43 -0.36 14.76
N HIS A 462 -31.22 -0.46 13.69
CA HIS A 462 -32.63 -0.03 13.69
C HIS A 462 -33.43 -0.69 14.82
N ALA A 463 -33.26 -2.00 14.99
CA ALA A 463 -33.95 -2.79 16.03
C ALA A 463 -33.63 -2.30 17.45
N MET A 464 -32.34 -2.26 17.79
CA MET A 464 -31.87 -1.72 19.08
C MET A 464 -32.43 -0.31 19.40
N LYS A 465 -32.62 0.52 18.38
CA LYS A 465 -33.20 1.84 18.58
C LYS A 465 -34.64 1.73 19.08
N TYR A 466 -35.37 0.72 18.58
CA TYR A 466 -36.78 0.53 18.87
C TYR A 466 -37.05 -0.55 19.95
N GLY A 467 -35.99 -1.13 20.51
CA GLY A 467 -36.11 -2.06 21.63
C GLY A 467 -36.23 -3.53 21.27
N ALA A 468 -36.18 -3.87 19.98
CA ALA A 468 -36.21 -5.26 19.55
C ALA A 468 -34.82 -5.86 19.80
N VAL A 469 -34.78 -6.91 20.62
CA VAL A 469 -33.52 -7.46 21.14
C VAL A 469 -32.84 -8.32 20.06
N PRO A 470 -31.60 -7.96 19.65
CA PRO A 470 -31.01 -8.65 18.50
C PRO A 470 -30.44 -10.03 18.83
N ILE A 471 -30.78 -11.03 18.03
CA ILE A 471 -30.12 -12.32 18.05
C ILE A 471 -29.38 -12.36 16.74
N VAL A 472 -28.06 -12.32 16.78
CA VAL A 472 -27.26 -12.09 15.57
C VAL A 472 -26.19 -13.16 15.34
N SER A 473 -25.68 -13.16 14.11
CA SER A 473 -24.47 -13.89 13.74
C SER A 473 -23.27 -13.02 14.17
N CYS A 474 -22.19 -13.68 14.60
CA CYS A 474 -21.09 -12.99 15.30
C CYS A 474 -19.98 -12.55 14.35
N THR A 475 -20.27 -11.59 13.47
CA THR A 475 -19.32 -11.10 12.47
C THR A 475 -19.46 -9.59 12.28
N GLY A 476 -18.33 -8.95 11.96
CA GLY A 476 -18.34 -7.56 11.52
C GLY A 476 -19.03 -6.60 12.46
N GLY A 477 -19.75 -5.63 11.90
CA GLY A 477 -20.48 -4.63 12.68
C GLY A 477 -21.48 -5.20 13.67
N LEU A 478 -21.94 -6.43 13.42
CA LEU A 478 -22.80 -7.15 14.37
C LEU A 478 -22.06 -7.51 15.67
N LYS A 479 -20.78 -7.87 15.54
CA LYS A 479 -19.91 -8.07 16.70
C LYS A 479 -19.71 -6.76 17.47
N ASP A 480 -19.40 -5.67 16.77
CA ASP A 480 -19.20 -4.35 17.41
C ASP A 480 -20.45 -3.80 18.09
N SER A 481 -21.61 -3.94 17.44
CA SER A 481 -22.85 -3.27 17.88
C SER A 481 -23.67 -4.07 18.90
N VAL A 482 -23.84 -5.37 18.67
CA VAL A 482 -24.58 -6.24 19.61
C VAL A 482 -23.63 -6.76 20.72
N ILE A 483 -23.35 -5.86 21.64
CA ILE A 483 -22.67 -6.17 22.90
C ILE A 483 -23.56 -7.07 23.75
N PRO A 484 -22.99 -7.82 24.71
CA PRO A 484 -23.83 -8.71 25.55
C PRO A 484 -24.91 -8.01 26.41
N GLU A 485 -24.72 -6.73 26.72
CA GLU A 485 -25.70 -5.92 27.47
C GLU A 485 -27.01 -5.69 26.70
N CYS A 486 -26.93 -5.78 25.36
CA CYS A 486 -28.05 -5.53 24.47
C CYS A 486 -28.66 -6.78 23.85
N GLY A 487 -27.86 -7.79 23.56
CA GLY A 487 -28.36 -8.96 22.82
C GLY A 487 -27.52 -10.20 22.84
N PHE A 488 -27.85 -11.12 21.94
CA PHE A 488 -27.23 -12.44 21.83
C PHE A 488 -26.45 -12.60 20.52
N THR A 489 -25.40 -13.42 20.57
CA THR A 489 -24.43 -13.54 19.47
C THR A 489 -23.98 -14.99 19.26
N PHE A 490 -24.80 -15.78 18.57
CA PHE A 490 -24.37 -17.14 18.15
C PHE A 490 -23.23 -17.05 17.13
N GLU A 491 -22.48 -18.14 16.96
CA GLU A 491 -21.30 -18.11 16.07
C GLU A 491 -21.71 -18.14 14.60
N GLU A 492 -20.87 -17.54 13.74
CA GLU A 492 -21.25 -17.25 12.35
C GLU A 492 -21.53 -18.47 11.48
N ILE A 493 -22.19 -18.22 10.35
CA ILE A 493 -22.71 -19.27 9.50
C ILE A 493 -21.67 -19.62 8.44
N PRO A 494 -21.54 -20.92 8.07
CA PRO A 494 -20.55 -21.32 7.07
C PRO A 494 -20.85 -20.91 5.61
N SER A 495 -19.81 -20.47 4.90
CA SER A 495 -19.83 -20.26 3.46
C SER A 495 -18.77 -21.17 2.80
N PRO A 496 -18.64 -21.17 1.46
CA PRO A 496 -17.53 -21.87 0.79
C PRO A 496 -16.22 -21.04 0.68
N GLU A 497 -15.36 -21.34 -0.31
CA GLU A 497 -14.24 -20.43 -0.70
C GLU A 497 -14.80 -19.09 -1.19
N TYR A 498 -16.03 -19.16 -1.69
CA TYR A 498 -17.10 -18.14 -1.68
C TYR A 498 -17.23 -17.20 -2.91
N PRO A 499 -17.39 -15.89 -2.73
CA PRO A 499 -18.31 -15.11 -3.56
C PRO A 499 -19.35 -15.93 -4.34
N GLY A 500 -20.21 -16.65 -3.61
CA GLY A 500 -21.28 -17.47 -4.17
C GLY A 500 -20.88 -18.49 -5.22
N MET A 501 -19.91 -19.35 -4.88
CA MET A 501 -19.37 -20.36 -5.87
C MET A 501 -20.41 -21.41 -6.35
N LYS A 502 -20.23 -22.73 -6.13
CA LYS A 502 -21.35 -23.66 -6.14
C LYS A 502 -21.89 -23.53 -4.71
N ILE A 503 -22.95 -22.74 -4.55
CA ILE A 503 -23.32 -22.11 -3.26
C ILE A 503 -23.76 -23.16 -2.25
N SER A 504 -23.82 -22.75 -0.99
CA SER A 504 -24.31 -23.58 0.14
C SER A 504 -24.45 -25.09 -0.11
N PRO A 505 -23.35 -25.84 0.08
CA PRO A 505 -23.37 -27.31 -0.01
C PRO A 505 -24.40 -27.98 0.90
N GLU A 506 -25.24 -28.83 0.29
CA GLU A 506 -26.19 -29.69 0.95
C GLU A 506 -25.44 -30.55 1.96
N LEU A 507 -25.17 -29.92 3.09
CA LEU A 507 -24.28 -30.40 4.18
C LEU A 507 -23.90 -29.16 5.01
N ILE A 508 -23.20 -28.20 4.37
CA ILE A 508 -22.92 -26.88 4.95
C ILE A 508 -24.23 -26.15 5.33
N ALA A 509 -25.30 -26.40 4.58
CA ALA A 509 -26.66 -25.99 4.96
C ALA A 509 -27.24 -26.68 6.22
N LYS A 510 -26.40 -27.29 7.06
CA LYS A 510 -26.69 -27.52 8.48
C LYS A 510 -26.16 -26.38 9.37
N GLY A 511 -25.80 -25.24 8.77
CA GLY A 511 -25.62 -23.99 9.50
C GLY A 511 -26.84 -23.64 10.34
N THR A 512 -28.02 -23.94 9.78
CA THR A 512 -29.31 -24.04 10.50
C THR A 512 -29.25 -24.33 12.00
N LYS A 513 -28.53 -25.39 12.37
CA LYS A 513 -28.48 -25.86 13.77
C LYS A 513 -27.87 -24.82 14.74
N ILE A 514 -27.00 -23.96 14.21
CA ILE A 514 -26.43 -22.86 15.00
C ILE A 514 -27.50 -21.80 15.33
N ILE A 515 -28.51 -21.66 14.45
CA ILE A 515 -29.63 -20.73 14.66
C ILE A 515 -30.65 -21.32 15.64
N GLU A 516 -31.07 -22.57 15.37
CA GLU A 516 -31.94 -23.33 16.29
C GLU A 516 -31.42 -23.20 17.71
N GLU A 517 -30.12 -23.51 17.87
CA GLU A 517 -29.44 -23.47 19.16
C GLU A 517 -29.34 -22.04 19.72
N GLY A 518 -28.92 -21.10 18.87
CA GLY A 518 -28.71 -19.71 19.27
C GLY A 518 -29.98 -19.01 19.75
N CYS A 519 -31.06 -19.25 19.04
CA CYS A 519 -32.38 -18.73 19.42
C CYS A 519 -32.89 -19.37 20.71
N LYS A 520 -32.87 -20.71 20.77
CA LYS A 520 -33.35 -21.45 21.94
C LYS A 520 -32.86 -20.85 23.27
N GLU A 521 -31.58 -20.46 23.31
CA GLU A 521 -31.00 -19.79 24.48
C GLU A 521 -31.67 -18.44 24.73
N ALA A 522 -31.76 -17.62 23.69
CA ALA A 522 -32.26 -16.25 23.81
C ALA A 522 -33.74 -16.15 24.20
N LEU A 523 -34.57 -17.00 23.60
CA LEU A 523 -36.03 -16.97 23.83
C LEU A 523 -36.41 -17.61 25.17
N ALA A 524 -35.63 -18.58 25.61
CA ALA A 524 -35.77 -19.11 26.96
C ALA A 524 -35.18 -18.02 27.86
N GLY A 525 -36.04 -17.19 28.41
CA GLY A 525 -35.61 -15.90 28.99
C GLY A 525 -36.47 -14.72 28.52
N TYR A 526 -37.31 -14.96 27.50
CA TYR A 526 -38.40 -14.06 27.16
C TYR A 526 -39.27 -13.82 28.41
N GLY A 527 -39.53 -12.54 28.68
CA GLY A 527 -40.28 -12.13 29.87
C GLY A 527 -39.50 -12.14 31.17
N SER A 528 -38.17 -12.18 31.09
CA SER A 528 -37.33 -12.07 32.27
C SER A 528 -37.12 -10.61 32.62
N LYS A 529 -36.61 -10.33 33.80
CA LYS A 529 -36.09 -8.99 34.10
C LYS A 529 -34.79 -8.76 33.33
N ALA A 530 -34.11 -9.83 32.93
CA ALA A 530 -32.95 -9.76 32.01
C ALA A 530 -33.36 -9.23 30.63
N PHE A 531 -34.49 -9.71 30.13
CA PHE A 531 -35.06 -9.29 28.87
C PHE A 531 -35.46 -7.81 28.95
N ALA A 532 -36.09 -7.40 30.05
CA ALA A 532 -36.45 -5.99 30.28
C ALA A 532 -35.25 -5.06 30.41
N GLY A 533 -34.12 -5.60 30.88
CA GLY A 533 -32.85 -4.87 30.95
C GLY A 533 -32.24 -4.70 29.57
N MET A 534 -32.22 -5.78 28.79
CA MET A 534 -31.80 -5.75 27.39
C MET A 534 -32.62 -4.72 26.59
N ARG A 535 -33.94 -4.71 26.79
CA ARG A 535 -34.85 -3.74 26.16
C ARG A 535 -34.41 -2.30 26.43
N ALA A 536 -34.18 -1.98 27.70
CA ALA A 536 -33.79 -0.64 28.11
C ALA A 536 -32.37 -0.30 27.62
N ALA A 537 -31.44 -1.25 27.82
CA ALA A 537 -30.05 -1.13 27.37
C ALA A 537 -29.93 -0.81 25.87
N CYS A 538 -30.65 -1.59 25.05
CA CYS A 538 -30.69 -1.41 23.60
C CYS A 538 -30.96 0.03 23.14
N MET A 539 -31.91 0.66 23.80
CA MET A 539 -32.43 1.97 23.39
C MET A 539 -31.63 3.16 23.94
N LYS A 540 -30.95 2.97 25.07
CA LYS A 540 -30.05 4.01 25.61
C LYS A 540 -28.79 4.22 24.76
N GLN A 541 -28.40 3.23 23.96
CA GLN A 541 -27.25 3.38 23.04
C GLN A 541 -27.46 4.50 22.01
N ASP A 542 -26.37 5.15 21.61
CA ASP A 542 -26.41 6.31 20.71
C ASP A 542 -25.85 5.92 19.34
N PHE A 543 -26.73 5.94 18.33
CA PHE A 543 -26.35 5.63 16.94
C PHE A 543 -26.38 6.84 15.99
N ALA A 544 -26.39 8.05 16.54
CA ALA A 544 -26.39 9.28 15.72
C ALA A 544 -25.00 9.52 15.12
N TRP A 545 -24.98 10.08 13.92
CA TRP A 545 -23.73 10.28 13.19
C TRP A 545 -22.77 11.27 13.85
N LYS A 546 -23.31 12.25 14.59
CA LYS A 546 -22.49 13.28 15.28
C LYS A 546 -21.11 12.79 15.72
N LYS A 547 -21.06 11.63 16.37
CA LYS A 547 -19.80 11.01 16.79
C LYS A 547 -19.01 10.49 15.59
N ARG A 548 -19.68 9.68 14.76
CA ARG A 548 -19.07 9.05 13.58
C ARG A 548 -18.45 10.10 12.63
N VAL A 549 -19.18 11.20 12.41
CA VAL A 549 -18.78 12.26 11.48
C VAL A 549 -17.43 12.86 11.86
N LEU A 550 -17.24 13.13 13.17
CA LEU A 550 -15.98 13.67 13.69
C LEU A 550 -14.76 12.80 13.37
N VAL A 551 -14.96 11.48 13.32
CA VAL A 551 -13.92 10.53 12.92
C VAL A 551 -13.67 10.63 11.40
N TYR A 552 -14.75 10.53 10.60
CA TYR A 552 -14.70 10.77 9.14
C TYR A 552 -14.03 12.10 8.80
N GLU A 553 -14.38 13.13 9.55
CA GLU A 553 -13.91 14.50 9.36
C GLU A 553 -12.40 14.65 9.59
N LYS A 554 -11.86 13.98 10.61
CA LYS A 554 -10.41 14.01 10.86
C LYS A 554 -9.60 13.21 9.83
N VAL A 555 -10.13 12.06 9.41
CA VAL A 555 -9.50 11.27 8.33
C VAL A 555 -9.32 12.12 7.06
N PHE A 556 -10.24 13.06 6.81
CA PHE A 556 -10.11 14.02 5.71
C PHE A 556 -8.91 14.93 5.96
N TYR A 557 -8.91 15.59 7.12
CA TYR A 557 -7.87 16.56 7.48
C TYR A 557 -6.45 16.01 7.37
N GLU A 558 -6.27 14.74 7.72
CA GLU A 558 -4.97 14.07 7.59
C GLU A 558 -4.59 13.93 6.13
N THR A 559 -5.47 13.28 5.37
CA THR A 559 -5.27 13.07 3.92
C THR A 559 -5.00 14.38 3.16
N LEU A 560 -5.64 15.47 3.57
CA LEU A 560 -5.38 16.78 2.98
C LEU A 560 -4.15 17.43 3.63
N GLY A 561 -4.26 17.83 4.89
CA GLY A 561 -3.19 18.55 5.56
C GLY A 561 -3.55 19.24 6.86
N ILE A 562 -4.56 20.12 6.85
CA ILE A 562 -4.99 20.84 8.06
C ILE A 562 -5.61 19.92 9.11
N GLU B 37 13.61 22.41 16.92
CA GLU B 37 12.51 22.41 17.94
C GLU B 37 12.09 21.00 18.32
N LYS B 38 11.61 20.24 17.34
CA LYS B 38 11.01 18.92 17.56
C LYS B 38 12.03 17.79 17.46
N LYS B 39 12.96 17.73 18.41
CA LYS B 39 14.05 16.74 18.46
C LYS B 39 13.55 15.38 18.95
N LEU B 40 13.97 14.30 18.28
CA LEU B 40 13.46 12.95 18.51
C LEU B 40 14.54 11.87 18.44
N THR B 41 14.16 10.65 18.82
CA THR B 41 15.06 9.49 18.80
C THR B 41 14.96 8.79 17.44
N ILE B 42 16.11 8.53 16.80
CA ILE B 42 16.18 7.82 15.52
C ILE B 42 17.15 6.65 15.62
N VAL B 43 16.85 5.56 14.93
CA VAL B 43 17.68 4.35 14.97
C VAL B 43 17.86 3.76 13.56
N PHE B 44 19.05 3.95 13.00
CA PHE B 44 19.42 3.31 11.73
C PHE B 44 19.79 1.85 11.91
N VAL B 45 19.38 1.02 10.96
CA VAL B 45 19.59 -0.42 11.01
C VAL B 45 19.94 -0.90 9.62
N GLY B 46 21.16 -1.41 9.44
CA GLY B 46 21.64 -1.89 8.14
C GLY B 46 22.81 -2.83 8.27
N SER B 47 23.39 -3.24 7.14
CA SER B 47 24.46 -4.25 7.14
C SER B 47 25.88 -3.68 6.89
N GLU B 48 25.99 -2.37 6.69
CA GLU B 48 27.28 -1.71 6.48
C GLU B 48 27.33 -0.35 7.18
N CYS B 49 28.49 -0.02 7.74
CA CYS B 49 28.78 1.36 8.09
C CYS B 49 30.27 1.59 7.87
N THR B 50 30.56 2.61 7.06
CA THR B 50 31.92 3.10 6.82
C THR B 50 32.33 3.88 8.11
N PRO B 51 33.59 3.78 8.55
CA PRO B 51 34.68 2.99 7.91
C PRO B 51 34.73 1.46 8.20
N TRP B 52 33.77 0.92 8.96
CA TRP B 52 33.88 -0.44 9.53
C TRP B 52 33.64 -1.58 8.51
N SER B 53 32.46 -1.58 7.90
CA SER B 53 32.16 -2.51 6.79
C SER B 53 31.67 -1.69 5.61
N LYS B 54 31.91 -2.21 4.41
CA LYS B 54 31.59 -1.50 3.17
C LYS B 54 31.83 -2.41 1.96
N THR B 55 30.82 -2.53 1.10
CA THR B 55 30.98 -3.05 -0.27
C THR B 55 30.63 -1.99 -1.32
N GLY B 56 30.18 -0.81 -0.87
CA GLY B 56 29.73 0.23 -1.78
C GLY B 56 28.98 1.33 -1.03
N GLY B 57 28.04 1.95 -1.71
CA GLY B 57 27.35 3.15 -1.22
C GLY B 57 26.55 2.98 0.06
N LEU B 58 26.04 1.77 0.29
CA LEU B 58 25.17 1.51 1.46
C LEU B 58 25.83 1.96 2.77
N GLY B 59 27.07 1.52 2.96
CA GLY B 59 27.85 1.87 4.14
C GLY B 59 28.09 3.36 4.28
N ASP B 60 28.39 4.00 3.15
CA ASP B 60 28.67 5.44 3.12
C ASP B 60 27.45 6.27 3.53
N VAL B 61 26.24 5.84 3.12
CA VAL B 61 25.00 6.54 3.47
C VAL B 61 24.69 6.38 4.97
N MET B 62 24.88 5.17 5.48
CA MET B 62 24.65 4.94 6.90
C MET B 62 25.77 5.48 7.80
N ARG B 63 26.88 5.97 7.22
CA ARG B 63 27.82 6.83 7.95
C ARG B 63 27.34 8.29 7.96
N ASP B 64 27.10 8.82 6.76
CA ASP B 64 26.85 10.27 6.58
C ASP B 64 25.48 10.73 7.04
N LEU B 65 24.44 10.00 6.65
CA LEU B 65 23.09 10.45 6.97
C LEU B 65 22.92 10.58 8.49
N PRO B 66 23.19 9.50 9.26
CA PRO B 66 22.94 9.61 10.70
C PRO B 66 23.72 10.71 11.42
N VAL B 67 24.94 11.02 10.95
CA VAL B 67 25.72 12.12 11.54
C VAL B 67 25.04 13.45 11.26
N ASN B 68 24.67 13.69 10.00
CA ASN B 68 24.04 14.94 9.62
C ASN B 68 22.63 15.12 10.22
N LEU B 69 21.97 14.02 10.58
CA LEU B 69 20.76 14.09 11.40
C LEU B 69 21.11 14.46 12.83
N ALA B 70 22.22 13.88 13.34
CA ALA B 70 22.70 14.19 14.70
C ALA B 70 23.11 15.64 14.89
N GLN B 71 23.67 16.26 13.84
CA GLN B 71 24.00 17.69 13.89
C GLN B 71 22.77 18.57 14.13
N ARG B 72 21.60 18.13 13.67
CA ARG B 72 20.34 18.86 13.88
C ARG B 72 19.79 18.76 15.30
N GLY B 73 20.34 17.88 16.14
CA GLY B 73 19.96 17.78 17.55
C GLY B 73 19.25 16.50 17.93
N HIS B 74 18.97 15.65 16.95
CA HIS B 74 18.30 14.37 17.20
C HIS B 74 19.27 13.42 17.88
N ARG B 75 18.73 12.51 18.69
CA ARG B 75 19.51 11.45 19.31
C ARG B 75 19.49 10.23 18.39
N VAL B 76 20.58 10.04 17.64
CA VAL B 76 20.61 9.04 16.57
C VAL B 76 21.50 7.87 16.95
N MET B 77 21.13 6.69 16.44
CA MET B 77 21.91 5.47 16.61
C MET B 77 21.93 4.72 15.28
N SER B 78 23.05 4.03 15.03
CA SER B 78 23.19 3.09 13.92
C SER B 78 23.43 1.70 14.50
N ILE B 79 22.87 0.67 13.85
CA ILE B 79 23.05 -0.71 14.29
C ILE B 79 23.51 -1.56 13.13
N GLN B 80 24.70 -2.14 13.25
CA GLN B 80 25.32 -2.99 12.22
C GLN B 80 25.92 -4.24 12.85
N PRO B 81 26.20 -5.28 12.05
CA PRO B 81 26.89 -6.45 12.59
C PRO B 81 28.40 -6.24 12.85
N ARG B 82 28.96 -7.11 13.69
CA ARG B 82 30.39 -7.14 13.99
C ARG B 82 31.04 -8.25 13.16
N TYR B 83 31.43 -7.90 11.94
CA TYR B 83 32.07 -8.84 11.00
C TYR B 83 33.52 -9.18 11.37
N ASP B 84 34.21 -8.22 12.00
CA ASP B 84 35.63 -8.34 12.37
C ASP B 84 35.86 -7.59 13.68
N GLN B 85 36.95 -7.91 14.38
CA GLN B 85 37.23 -7.35 15.71
C GLN B 85 37.68 -5.88 15.63
N TYR B 86 36.69 -4.98 15.60
CA TYR B 86 36.96 -3.57 15.38
C TYR B 86 37.68 -3.00 16.60
N PHE B 87 38.92 -2.55 16.40
CA PHE B 87 39.78 -2.02 17.46
C PHE B 87 39.15 -0.92 18.35
N ASP B 88 38.25 -0.12 17.77
CA ASP B 88 37.59 0.99 18.49
C ASP B 88 36.17 0.68 19.03
N ALA B 89 35.73 -0.57 18.86
CA ALA B 89 34.41 -1.01 19.33
C ALA B 89 34.55 -1.80 20.64
N TRP B 90 33.92 -1.29 21.71
CA TRP B 90 34.04 -1.83 23.08
C TRP B 90 32.74 -2.45 23.58
N ASP B 91 32.86 -3.64 24.16
CA ASP B 91 31.71 -4.41 24.67
C ASP B 91 30.98 -3.62 25.77
N THR B 92 29.68 -3.37 25.57
CA THR B 92 28.81 -2.75 26.60
C THR B 92 28.56 -3.69 27.78
N ALA B 93 28.85 -4.99 27.57
CA ALA B 93 28.68 -6.06 28.55
C ALA B 93 27.23 -6.53 28.59
N VAL B 94 26.41 -5.95 27.70
CA VAL B 94 24.99 -6.23 27.66
C VAL B 94 24.82 -7.34 26.65
N ARG B 95 24.24 -8.44 27.11
CA ARG B 95 23.96 -9.56 26.26
C ARG B 95 22.46 -9.68 26.15
N SER B 96 22.02 -10.42 25.15
CA SER B 96 20.65 -10.91 25.09
C SER B 96 20.64 -12.21 24.32
N SER B 97 19.50 -12.90 24.41
CA SER B 97 19.31 -14.16 23.73
C SER B 97 18.14 -14.02 22.76
N ILE B 98 18.40 -14.39 21.50
CA ILE B 98 17.45 -14.28 20.40
C ILE B 98 17.18 -15.69 19.86
N LYS B 99 15.90 -16.01 19.62
CA LYS B 99 15.50 -17.34 19.14
C LYS B 99 15.60 -17.40 17.61
N VAL B 100 16.41 -18.33 17.12
CA VAL B 100 16.59 -18.54 15.68
C VAL B 100 16.77 -20.02 15.43
N ASN B 101 16.02 -20.54 14.45
CA ASN B 101 16.00 -21.96 14.14
C ASN B 101 15.61 -22.82 15.36
N GLY B 102 14.77 -22.25 16.23
CA GLY B 102 14.32 -22.92 17.45
C GLY B 102 15.24 -22.84 18.65
N LYS B 103 16.53 -22.52 18.44
CA LYS B 103 17.54 -22.51 19.51
C LYS B 103 17.85 -21.07 19.90
N LEU B 104 17.98 -20.83 21.19
CA LEU B 104 18.28 -19.48 21.69
C LEU B 104 19.76 -19.18 21.40
N GLU B 105 20.08 -17.93 21.06
CA GLU B 105 21.43 -17.52 20.64
C GLU B 105 21.92 -16.31 21.43
N ASP B 106 23.04 -16.47 22.14
CA ASP B 106 23.63 -15.38 22.90
C ASP B 106 24.27 -14.40 21.93
N VAL B 107 23.88 -13.13 22.02
CA VAL B 107 24.54 -12.05 21.26
C VAL B 107 24.97 -10.95 22.20
N GLY B 108 26.02 -10.25 21.79
CA GLY B 108 26.60 -9.15 22.56
C GLY B 108 26.45 -7.88 21.76
N PHE B 109 26.72 -6.76 22.42
CA PHE B 109 26.52 -5.44 21.85
C PHE B 109 27.72 -4.55 22.13
N PHE B 110 28.42 -4.20 21.05
CA PHE B 110 29.62 -3.36 21.13
C PHE B 110 29.27 -1.94 20.70
N HIS B 111 29.84 -0.96 21.39
CA HIS B 111 29.39 0.43 21.33
C HIS B 111 30.56 1.38 21.03
N ILE B 112 30.27 2.48 20.35
CA ILE B 112 31.23 3.54 20.08
C ILE B 112 30.50 4.82 19.72
N THR B 113 30.79 5.91 20.44
CA THR B 113 30.30 7.24 20.07
C THR B 113 31.28 7.88 19.08
N SER B 114 30.80 8.20 17.89
CA SER B 114 31.59 8.91 16.87
C SER B 114 30.71 9.92 16.12
N LYS B 115 31.07 11.20 16.23
CA LYS B 115 30.36 12.32 15.60
C LYS B 115 28.91 12.43 16.14
N GLY B 116 28.74 12.25 17.44
CA GLY B 116 27.42 12.33 18.09
C GLY B 116 26.44 11.22 17.74
N VAL B 117 26.93 10.10 17.21
CA VAL B 117 26.08 8.99 16.75
C VAL B 117 26.52 7.72 17.45
N ASP B 118 25.72 7.25 18.39
CA ASP B 118 26.07 6.07 19.17
C ASP B 118 25.86 4.83 18.30
N ARG B 119 26.93 4.39 17.63
CA ARG B 119 26.86 3.25 16.71
C ARG B 119 26.92 1.98 17.53
N ILE B 120 26.22 0.93 17.10
CA ILE B 120 26.21 -0.36 17.82
C ILE B 120 26.45 -1.56 16.88
N PHE B 121 27.19 -2.54 17.41
CA PHE B 121 27.67 -3.69 16.63
C PHE B 121 27.19 -4.99 17.25
N ILE B 122 26.50 -5.80 16.47
CA ILE B 122 25.90 -7.05 16.94
C ILE B 122 26.94 -8.18 16.84
N ASP B 123 27.36 -8.67 18.01
CA ASP B 123 28.44 -9.66 18.13
C ASP B 123 27.86 -11.07 18.11
N HIS B 124 28.29 -11.89 17.16
CA HIS B 124 27.90 -13.30 17.09
C HIS B 124 28.78 -14.07 16.10
N PRO B 125 29.13 -15.35 16.40
CA PRO B 125 29.90 -16.25 15.54
C PRO B 125 29.57 -16.33 14.04
N TRP B 126 28.31 -16.13 13.68
CA TRP B 126 27.91 -16.15 12.28
C TRP B 126 28.40 -14.91 11.51
N PHE B 127 28.59 -13.80 12.21
CA PHE B 127 29.14 -12.57 11.64
C PHE B 127 30.65 -12.43 11.83
N LEU B 128 31.11 -12.60 13.06
CA LEU B 128 32.51 -12.36 13.41
C LEU B 128 33.45 -13.42 12.81
N ALA B 129 33.12 -14.69 13.04
CA ALA B 129 33.97 -15.80 12.63
C ALA B 129 33.68 -16.28 11.19
N LYS B 130 33.59 -15.35 10.25
CA LYS B 130 33.41 -15.68 8.85
C LYS B 130 34.77 -15.74 8.19
N VAL B 131 34.78 -16.20 6.94
CA VAL B 131 36.02 -16.53 6.22
C VAL B 131 36.99 -15.36 6.34
N TRP B 132 38.26 -15.69 6.57
CA TRP B 132 39.23 -14.73 7.08
C TRP B 132 39.91 -13.94 5.94
N GLY B 133 40.91 -13.14 6.26
CA GLY B 133 41.31 -12.03 5.39
C GLY B 133 40.35 -10.88 5.59
N ILE B 134 40.18 -10.49 6.86
CA ILE B 134 39.49 -9.25 7.30
C ILE B 134 38.04 -9.01 6.79
N THR B 135 37.40 -10.02 6.20
CA THR B 135 36.09 -9.85 5.53
C THR B 135 36.06 -8.65 4.55
N GLY B 136 35.83 -7.43 5.04
CA GLY B 136 35.91 -6.22 4.22
C GLY B 136 34.85 -6.13 3.15
N ASN B 137 35.12 -6.82 2.03
CA ASN B 137 34.19 -6.90 0.89
C ASN B 137 33.45 -8.24 0.69
N LYS B 138 33.70 -9.23 1.55
CA LYS B 138 33.04 -10.52 1.39
C LYS B 138 31.88 -10.62 2.39
N LEU B 139 31.20 -9.52 2.74
CA LEU B 139 30.30 -9.56 3.90
C LEU B 139 29.19 -10.61 3.74
N TYR B 140 28.61 -10.66 2.54
CA TYR B 140 27.39 -11.43 2.27
C TYR B 140 27.65 -12.75 1.51
N GLY B 141 28.89 -12.97 1.09
CA GLY B 141 29.24 -14.15 0.31
C GLY B 141 30.72 -14.47 0.41
N ALA B 142 31.09 -15.63 -0.13
CA ALA B 142 32.49 -16.04 -0.22
C ALA B 142 33.11 -15.43 -1.48
N LYS B 143 32.48 -15.71 -2.62
CA LYS B 143 32.87 -15.14 -3.91
C LYS B 143 32.01 -13.89 -4.14
N THR B 144 31.73 -13.54 -5.40
CA THR B 144 30.76 -12.51 -5.73
C THR B 144 29.78 -13.13 -6.72
N GLY B 145 28.52 -13.22 -6.29
CA GLY B 145 27.53 -14.06 -6.95
C GLY B 145 27.11 -15.24 -6.08
N VAL B 146 27.95 -15.58 -5.11
CA VAL B 146 27.72 -16.71 -4.20
C VAL B 146 27.50 -16.17 -2.80
N ASP B 147 26.32 -16.42 -2.23
CA ASP B 147 25.98 -15.96 -0.88
C ASP B 147 26.13 -17.07 0.15
N TYR B 148 26.29 -16.67 1.42
CA TYR B 148 26.36 -17.61 2.54
C TYR B 148 24.97 -18.17 2.85
N PRO B 149 24.87 -19.52 3.01
CA PRO B 149 23.58 -20.09 3.45
C PRO B 149 23.07 -19.71 4.85
N ASP B 150 23.87 -18.98 5.63
CA ASP B 150 23.45 -18.44 6.93
C ASP B 150 22.55 -17.20 6.84
N ASN B 151 22.65 -16.47 5.72
CA ASN B 151 22.04 -15.12 5.57
C ASN B 151 20.59 -14.97 6.05
N PRO B 152 19.71 -15.94 5.75
CA PRO B 152 18.39 -15.91 6.38
C PRO B 152 18.50 -15.72 7.89
N MET B 153 19.18 -16.66 8.55
CA MET B 153 19.26 -16.67 10.01
C MET B 153 20.06 -15.50 10.56
N ARG B 154 21.13 -15.12 9.83
CA ARG B 154 21.98 -14.02 10.26
C ARG B 154 21.20 -12.73 10.37
N PHE B 155 20.51 -12.38 9.29
CA PHE B 155 19.77 -11.12 9.24
C PHE B 155 18.40 -11.22 9.89
N ALA B 156 17.91 -12.44 10.10
CA ALA B 156 16.83 -12.65 11.05
C ALA B 156 17.31 -12.30 12.47
N LEU B 157 18.49 -12.83 12.83
CA LEU B 157 19.13 -12.56 14.13
C LEU B 157 19.47 -11.08 14.29
N MET B 158 20.05 -10.52 13.25
CA MET B 158 20.48 -9.13 13.25
C MET B 158 19.34 -8.15 13.53
N CYS B 159 18.18 -8.42 12.93
CA CYS B 159 16.99 -7.57 13.10
C CYS B 159 16.45 -7.62 14.53
N GLN B 160 16.14 -8.83 15.00
CA GLN B 160 15.54 -9.03 16.33
C GLN B 160 16.41 -8.38 17.40
N ALA B 161 17.72 -8.61 17.27
CA ALA B 161 18.75 -8.02 18.14
C ALA B 161 18.72 -6.50 18.13
N ALA B 162 18.54 -5.93 16.94
CA ALA B 162 18.45 -4.48 16.78
C ALA B 162 17.27 -3.88 17.55
N LEU B 163 16.15 -4.61 17.62
CA LEU B 163 14.98 -4.16 18.39
C LEU B 163 15.20 -4.17 19.90
N GLU B 164 16.15 -4.96 20.38
CA GLU B 164 16.52 -4.96 21.79
C GLU B 164 17.32 -3.72 22.22
N ALA B 165 18.25 -3.29 21.38
CA ALA B 165 19.25 -2.26 21.75
C ALA B 165 18.72 -0.94 22.31
N PRO B 166 17.61 -0.43 21.77
CA PRO B 166 17.08 0.79 22.37
C PRO B 166 16.54 0.60 23.80
N LEU B 167 16.05 -0.61 24.10
CA LEU B 167 15.45 -0.94 25.40
C LEU B 167 16.46 -1.21 26.51
N ARG B 168 17.61 -1.76 26.16
CA ARG B 168 18.45 -2.52 27.09
C ARG B 168 19.95 -2.11 27.11
N ILE B 169 20.29 -0.93 26.54
CA ILE B 169 21.67 -0.45 26.48
C ILE B 169 21.70 1.07 26.75
N PRO B 170 22.26 1.50 27.90
CA PRO B 170 22.32 2.92 28.25
C PRO B 170 23.54 3.62 27.64
N LEU B 171 23.30 4.72 26.94
CA LEU B 171 24.33 5.44 26.19
C LEU B 171 24.31 6.93 26.57
N PRO B 172 25.39 7.67 26.34
CA PRO B 172 26.67 7.21 25.76
C PRO B 172 27.53 6.31 26.67
N ASP B 173 27.48 6.56 27.98
CA ASP B 173 28.24 5.78 28.99
C ASP B 173 27.29 4.88 29.80
N PRO B 174 27.75 3.66 30.16
CA PRO B 174 26.97 2.72 30.99
C PRO B 174 26.30 3.27 32.28
N ALA B 175 26.67 4.47 32.72
CA ALA B 175 25.92 5.21 33.75
C ALA B 175 25.20 6.42 33.14
N GLY B 176 24.51 6.18 32.02
CA GLY B 176 23.74 7.21 31.29
C GLY B 176 22.35 6.71 31.01
N THR B 177 21.64 7.42 30.13
CA THR B 177 20.22 7.10 29.82
C THR B 177 20.09 5.99 28.76
N VAL B 178 18.95 5.32 28.77
CA VAL B 178 18.60 4.26 27.80
C VAL B 178 17.80 4.88 26.66
N TYR B 179 17.83 4.27 25.48
CA TYR B 179 17.15 4.83 24.30
C TYR B 179 15.61 4.86 24.39
N GLY B 180 15.00 3.78 24.86
CA GLY B 180 13.54 3.76 25.12
C GLY B 180 12.65 3.23 24.00
N GLU B 181 11.43 3.80 23.89
CA GLU B 181 10.37 3.29 23.00
C GLU B 181 9.71 4.28 22.02
N ASP B 182 9.91 5.59 22.18
CA ASP B 182 9.35 6.59 21.24
C ASP B 182 10.38 6.91 20.13
N VAL B 183 10.67 5.88 19.35
CA VAL B 183 11.86 5.78 18.51
C VAL B 183 11.44 5.45 17.09
N ILE B 184 11.89 6.25 16.11
CA ILE B 184 11.67 5.92 14.70
C ILE B 184 12.83 5.05 14.19
N PHE B 185 12.50 3.91 13.57
CA PHE B 185 13.49 2.97 13.02
C PHE B 185 13.65 3.18 11.53
N VAL B 186 14.83 3.60 11.10
CA VAL B 186 15.18 3.68 9.67
C VAL B 186 15.87 2.38 9.30
N CYS B 187 15.30 1.63 8.35
CA CYS B 187 15.79 0.29 8.01
C CYS B 187 16.17 0.24 6.54
N ASN B 188 17.32 -0.35 6.26
CA ASN B 188 18.03 -0.13 5.01
C ASN B 188 18.23 -1.42 4.23
N ASP B 189 17.54 -1.54 3.10
CA ASP B 189 17.58 -2.72 2.23
C ASP B 189 17.09 -4.00 2.90
N TRP B 190 17.09 -5.10 2.13
CA TRP B 190 16.50 -6.37 2.56
C TRP B 190 17.03 -6.90 3.90
N HIS B 191 18.29 -6.61 4.19
CA HIS B 191 18.96 -7.07 5.41
C HIS B 191 18.27 -6.58 6.69
N SER B 192 17.71 -5.37 6.65
CA SER B 192 16.89 -4.84 7.75
C SER B 192 15.42 -4.69 7.34
N ALA B 193 14.96 -5.59 6.47
CA ALA B 193 13.59 -5.51 5.96
C ALA B 193 12.58 -6.17 6.86
N LEU B 194 13.07 -6.91 7.87
CA LEU B 194 12.21 -7.63 8.80
C LEU B 194 11.94 -6.89 10.11
N VAL B 195 12.55 -5.73 10.36
CA VAL B 195 12.24 -5.04 11.64
C VAL B 195 10.82 -4.44 11.67
N PRO B 196 10.26 -3.99 10.52
CA PRO B 196 8.86 -3.54 10.61
C PRO B 196 7.94 -4.67 11.07
N ILE B 197 8.11 -5.85 10.49
CA ILE B 197 7.29 -7.03 10.83
C ILE B 197 7.67 -7.72 12.16
N TYR B 198 8.95 -7.74 12.57
CA TYR B 198 9.29 -8.19 13.94
C TYR B 198 8.77 -7.20 14.97
N LEU B 199 8.79 -5.91 14.64
CA LEU B 199 8.31 -4.87 15.55
C LEU B 199 6.83 -5.12 15.86
N LYS B 200 6.00 -5.15 14.82
CA LYS B 200 4.54 -5.29 14.99
C LYS B 200 4.13 -6.65 15.56
N ALA B 201 4.66 -7.73 14.97
CA ALA B 201 4.25 -9.10 15.31
C ALA B 201 4.71 -9.61 16.68
N ASN B 202 5.84 -9.11 17.17
CA ASN B 202 6.34 -9.51 18.49
C ASN B 202 6.22 -8.42 19.54
N TYR B 203 6.66 -7.20 19.24
CA TYR B 203 6.85 -6.17 20.30
C TYR B 203 5.60 -5.34 20.61
N LYS B 204 4.94 -4.84 19.56
CA LYS B 204 3.73 -4.00 19.72
C LYS B 204 2.51 -4.79 20.21
N THR B 205 2.48 -6.08 19.90
CA THR B 205 1.55 -7.03 20.49
C THR B 205 1.53 -6.90 22.03
N ARG B 206 2.71 -6.85 22.64
CA ARG B 206 2.84 -6.82 24.10
C ARG B 206 2.92 -5.40 24.70
N GLY B 207 2.48 -4.38 23.97
CA GLY B 207 2.30 -3.04 24.55
C GLY B 207 3.56 -2.22 24.75
N LEU B 208 4.49 -2.31 23.80
CA LEU B 208 5.67 -1.46 23.78
C LEU B 208 6.11 -1.21 22.35
N TYR B 209 6.91 -0.16 22.16
CA TYR B 209 7.15 0.43 20.83
C TYR B 209 5.83 0.77 20.12
N GLN B 210 4.86 1.24 20.90
CA GLN B 210 3.56 1.58 20.35
C GLN B 210 3.66 2.91 19.60
N ASN B 211 4.25 3.91 20.26
CA ASN B 211 4.55 5.20 19.61
C ASN B 211 5.57 5.11 18.46
N ALA B 212 6.39 4.05 18.46
CA ALA B 212 7.40 3.82 17.43
C ALA B 212 6.82 3.54 16.05
N LYS B 213 7.40 4.20 15.04
CA LYS B 213 7.08 3.93 13.64
C LYS B 213 8.32 3.47 12.90
N SER B 214 8.10 2.89 11.72
CA SER B 214 9.10 2.22 10.93
C SER B 214 9.16 2.83 9.53
N ILE B 215 10.32 3.34 9.13
CA ILE B 215 10.57 3.77 7.75
C ILE B 215 11.47 2.77 7.07
N PHE B 216 11.12 2.38 5.85
CA PHE B 216 12.00 1.57 5.03
C PHE B 216 12.74 2.49 4.09
N LEU B 217 13.99 2.14 3.76
CA LEU B 217 14.84 2.96 2.87
C LEU B 217 15.50 2.09 1.79
N LEU B 218 14.98 2.17 0.57
CA LEU B 218 15.48 1.33 -0.52
C LEU B 218 16.73 1.95 -1.14
N HIS B 219 17.87 1.30 -0.97
CA HIS B 219 19.08 1.65 -1.72
C HIS B 219 19.18 0.83 -3.00
N ASN B 220 18.54 -0.34 -3.04
CA ASN B 220 18.52 -1.16 -4.25
C ASN B 220 17.33 -2.09 -4.29
N ILE B 221 16.74 -2.23 -5.47
CA ILE B 221 15.54 -3.02 -5.70
C ILE B 221 15.79 -4.51 -6.03
N ILE B 222 16.88 -4.81 -6.75
CA ILE B 222 17.17 -6.22 -7.15
C ILE B 222 17.51 -7.17 -5.99
N TYR B 223 17.99 -6.62 -4.87
CA TYR B 223 18.34 -7.40 -3.70
C TYR B 223 17.16 -7.37 -2.71
N GLN B 224 16.39 -8.47 -2.69
CA GLN B 224 15.09 -8.55 -1.99
C GLN B 224 14.99 -9.57 -0.83
N GLY B 225 16.05 -10.34 -0.58
CA GLY B 225 15.99 -11.39 0.44
C GLY B 225 15.02 -12.51 0.06
N ARG B 226 15.16 -13.03 -1.15
CA ARG B 226 14.30 -14.10 -1.66
C ARG B 226 14.95 -15.44 -1.31
N PHE B 227 14.30 -16.20 -0.43
CA PHE B 227 14.86 -17.44 0.11
C PHE B 227 13.86 -18.58 0.00
N PRO B 228 14.35 -19.85 0.05
CA PRO B 228 13.39 -20.97 0.04
C PRO B 228 12.43 -20.97 1.23
N LEU B 229 11.25 -21.54 0.99
CA LEU B 229 10.11 -21.44 1.91
C LEU B 229 10.36 -22.20 3.23
N GLU B 230 11.18 -23.25 3.16
CA GLU B 230 11.51 -24.06 4.35
C GLU B 230 12.36 -23.33 5.41
N PHE B 231 12.95 -22.18 5.06
CA PHE B 231 13.57 -21.29 6.07
C PHE B 231 12.57 -20.53 6.97
N TRP B 232 11.27 -20.61 6.64
CA TRP B 232 10.21 -19.95 7.46
C TRP B 232 10.26 -20.24 8.97
N PRO B 233 10.25 -21.52 9.38
CA PRO B 233 10.33 -21.86 10.80
C PRO B 233 11.45 -21.15 11.54
N ALA B 234 12.62 -21.06 10.91
CA ALA B 234 13.80 -20.45 11.52
C ALA B 234 13.69 -18.95 11.82
N LEU B 235 12.68 -18.26 11.29
CA LEU B 235 12.58 -16.82 11.48
C LEU B 235 11.99 -16.41 12.82
N ASN B 236 11.11 -17.24 13.39
CA ASN B 236 10.49 -16.96 14.70
C ASN B 236 9.57 -15.73 14.67
N LEU B 237 8.79 -15.67 13.60
CA LEU B 237 7.65 -14.75 13.50
C LEU B 237 6.40 -15.59 13.74
N PRO B 238 5.34 -14.98 14.30
CA PRO B 238 4.05 -15.65 14.43
C PRO B 238 3.54 -16.22 13.11
N GLU B 239 2.66 -17.22 13.19
CA GLU B 239 2.15 -17.89 12.00
C GLU B 239 1.18 -17.03 11.18
N ALA B 240 0.57 -16.02 11.82
CA ALA B 240 -0.24 -15.02 11.10
C ALA B 240 0.59 -14.24 10.09
N ALA B 241 1.80 -13.87 10.49
CA ALA B 241 2.73 -13.11 9.63
C ALA B 241 3.40 -13.90 8.49
N LYS B 242 3.15 -15.20 8.35
CA LYS B 242 3.64 -15.98 7.20
C LYS B 242 3.09 -15.48 5.85
N LYS B 243 1.86 -14.97 5.87
CA LYS B 243 1.17 -14.46 4.66
C LYS B 243 1.94 -13.34 3.94
N ASP B 244 2.62 -12.51 4.72
CA ASP B 244 3.36 -11.36 4.20
C ASP B 244 4.75 -11.72 3.65
N LEU B 245 5.32 -12.83 4.10
CA LEU B 245 6.59 -13.29 3.57
C LEU B 245 6.40 -14.14 2.32
N VAL B 246 5.37 -14.99 2.27
CA VAL B 246 5.18 -15.88 1.12
C VAL B 246 5.01 -15.07 -0.17
N PHE B 247 5.60 -15.57 -1.25
CA PHE B 247 5.77 -14.82 -2.50
C PHE B 247 5.91 -15.77 -3.68
N GLU B 248 5.36 -15.36 -4.82
CA GLU B 248 5.36 -16.19 -6.02
C GLU B 248 5.98 -15.50 -7.24
N SER B 249 6.93 -16.19 -7.87
CA SER B 249 7.58 -15.71 -9.09
C SER B 249 8.23 -16.89 -9.83
N CYS B 250 8.65 -16.61 -11.06
CA CYS B 250 9.37 -17.58 -11.88
C CYS B 250 10.87 -17.34 -11.84
N PHE B 251 11.29 -16.24 -11.20
CA PHE B 251 12.68 -15.89 -11.09
C PHE B 251 13.07 -16.04 -9.62
N ALA B 252 13.97 -16.99 -9.34
CA ALA B 252 14.59 -17.12 -8.02
C ALA B 252 16.07 -16.88 -8.17
N PRO B 253 16.70 -16.29 -7.13
CA PRO B 253 18.17 -16.17 -7.16
C PRO B 253 18.76 -17.56 -7.07
N PRO B 254 20.08 -17.70 -7.32
CA PRO B 254 20.66 -19.05 -7.39
C PRO B 254 20.57 -19.84 -6.06
N PRO B 255 20.67 -21.18 -6.13
CA PRO B 255 20.54 -22.00 -4.92
C PRO B 255 21.62 -21.66 -3.90
N LEU B 256 21.23 -21.46 -2.64
CA LEU B 256 22.20 -21.22 -1.56
C LEU B 256 22.86 -22.53 -1.13
N ASP B 257 23.75 -23.02 -1.99
CA ASP B 257 24.41 -24.32 -1.80
C ASP B 257 25.91 -24.19 -1.45
N GLY B 258 26.64 -23.39 -2.20
CA GLY B 258 28.09 -23.40 -2.17
C GLY B 258 28.66 -22.65 -3.34
N ILE B 259 28.46 -23.13 -4.57
CA ILE B 259 29.22 -22.63 -5.73
C ILE B 259 28.44 -21.88 -6.82
N SER B 260 27.15 -22.23 -7.03
CA SER B 260 26.41 -21.78 -8.23
C SER B 260 25.95 -20.30 -8.19
N GLU B 261 25.87 -19.69 -9.37
CA GLU B 261 25.35 -18.32 -9.56
C GLU B 261 24.57 -18.21 -10.88
N GLN B 262 23.62 -19.12 -11.07
CA GLN B 262 22.72 -19.06 -12.23
C GLN B 262 21.27 -19.05 -11.73
N PRO B 263 20.66 -17.85 -11.61
CA PRO B 263 19.24 -17.78 -11.25
C PRO B 263 18.36 -18.71 -12.09
N ILE B 264 17.87 -19.77 -11.44
CA ILE B 264 16.86 -20.68 -12.02
C ILE B 264 15.62 -19.92 -12.51
N ILE B 265 15.01 -20.41 -13.59
CA ILE B 265 13.79 -19.83 -14.17
C ILE B 265 12.78 -20.91 -14.57
N SER B 266 11.74 -21.07 -13.75
CA SER B 266 10.71 -22.08 -13.98
C SER B 266 9.56 -21.51 -14.81
N LEU B 267 8.78 -22.40 -15.42
CA LEU B 267 7.61 -22.01 -16.21
C LEU B 267 6.45 -21.64 -15.27
N LYS B 268 6.05 -22.58 -14.40
CA LYS B 268 5.10 -22.26 -13.32
C LYS B 268 5.84 -21.51 -12.22
N PRO B 269 5.22 -20.44 -11.67
CA PRO B 269 5.90 -19.66 -10.64
C PRO B 269 6.08 -20.46 -9.36
N MET B 270 7.22 -20.26 -8.70
CA MET B 270 7.58 -20.99 -7.50
C MET B 270 7.01 -20.29 -6.28
N ALA B 271 6.84 -21.03 -5.20
CA ALA B 271 6.60 -20.46 -3.88
C ALA B 271 7.94 -20.32 -3.15
N MET B 272 8.16 -19.16 -2.53
CA MET B 272 9.41 -18.86 -1.82
C MET B 272 9.19 -17.66 -0.90
N MET B 273 10.24 -17.20 -0.21
CA MET B 273 10.14 -16.05 0.70
C MET B 273 10.57 -14.76 0.02
N ASN B 274 10.31 -13.64 0.69
CA ASN B 274 10.72 -12.32 0.20
C ASN B 274 10.67 -11.30 1.34
N PHE B 275 11.82 -11.08 1.97
CA PHE B 275 11.94 -10.16 3.10
C PHE B 275 11.53 -8.76 2.73
N LEU B 276 11.87 -8.35 1.50
CA LEU B 276 11.66 -6.99 1.04
C LEU B 276 10.19 -6.66 0.88
N GLN B 277 9.39 -7.60 0.39
CA GLN B 277 7.96 -7.35 0.28
C GLN B 277 7.38 -7.06 1.68
N ALA B 278 7.76 -7.87 2.66
CA ALA B 278 7.34 -7.69 4.06
C ALA B 278 7.84 -6.39 4.70
N GLY B 279 8.96 -5.88 4.19
CA GLY B 279 9.40 -4.52 4.47
C GLY B 279 8.42 -3.51 3.92
N PHE B 280 8.05 -3.65 2.65
CA PHE B 280 7.07 -2.76 2.02
C PHE B 280 5.68 -2.86 2.67
N ILE B 281 5.25 -4.07 2.99
CA ILE B 281 3.91 -4.27 3.58
C ILE B 281 3.80 -3.52 4.91
N HIS B 282 4.74 -3.72 5.82
CA HIS B 282 4.61 -3.20 7.20
C HIS B 282 5.33 -1.88 7.52
N ALA B 283 6.06 -1.34 6.56
CA ALA B 283 6.74 -0.06 6.77
C ALA B 283 5.71 1.05 6.82
N ASP B 284 5.82 1.91 7.83
CA ASP B 284 4.91 3.04 7.98
C ASP B 284 5.24 4.18 6.97
N ARG B 285 6.33 4.05 6.21
CA ARG B 285 6.62 4.91 5.05
C ARG B 285 7.78 4.30 4.23
N ILE B 286 7.74 4.41 2.90
CA ILE B 286 8.90 4.00 2.07
C ILE B 286 9.65 5.23 1.55
N CYS B 287 10.97 5.25 1.70
CA CYS B 287 11.83 6.22 1.03
C CYS B 287 12.75 5.48 0.08
N THR B 288 13.41 6.24 -0.80
CA THR B 288 14.48 5.71 -1.65
C THR B 288 15.50 6.82 -1.91
N VAL B 289 16.55 6.51 -2.68
CA VAL B 289 17.76 7.33 -2.72
C VAL B 289 17.89 8.27 -3.96
N SER B 290 16.76 8.62 -4.58
CA SER B 290 16.74 9.42 -5.80
C SER B 290 15.29 9.65 -6.28
N PRO B 291 14.92 10.90 -6.61
CA PRO B 291 13.62 11.21 -7.24
C PRO B 291 13.35 10.43 -8.52
N GLN B 292 14.35 10.35 -9.39
CA GLN B 292 14.25 9.59 -10.65
C GLN B 292 14.11 8.09 -10.41
N PHE B 293 14.91 7.55 -9.50
CA PHE B 293 14.86 6.12 -9.17
C PHE B 293 13.54 5.76 -8.49
N ALA B 294 13.05 6.63 -7.61
CA ALA B 294 11.72 6.46 -7.04
C ALA B 294 10.69 6.23 -8.14
N ALA B 295 10.78 7.03 -9.21
CA ALA B 295 9.87 6.90 -10.35
C ALA B 295 10.01 5.56 -11.06
N GLU B 296 11.25 5.09 -11.20
CA GLU B 296 11.55 3.88 -11.96
C GLU B 296 11.09 2.60 -11.24
N VAL B 297 10.98 2.66 -9.90
CA VAL B 297 10.55 1.50 -9.10
C VAL B 297 9.01 1.35 -9.10
N ALA B 298 8.31 2.47 -9.02
CA ALA B 298 6.85 2.50 -9.19
C ALA B 298 6.39 2.13 -10.61
N SER B 299 7.26 2.32 -11.60
CA SER B 299 6.89 2.19 -13.03
C SER B 299 6.39 0.83 -13.51
N GLY B 300 6.70 -0.26 -12.82
CA GLY B 300 6.24 -1.58 -13.26
C GLY B 300 7.19 -2.72 -12.93
N PRO B 301 6.89 -3.93 -13.45
CA PRO B 301 7.64 -5.11 -12.98
C PRO B 301 9.08 -5.19 -13.45
N ARG B 302 9.46 -4.45 -14.50
CA ARG B 302 10.87 -4.35 -14.88
C ARG B 302 11.59 -3.50 -13.83
N GLY B 303 11.17 -2.25 -13.69
CA GLY B 303 11.79 -1.29 -12.77
C GLY B 303 11.57 -1.56 -11.28
N GLY B 304 10.54 -2.33 -10.94
CA GLY B 304 10.31 -2.76 -9.56
C GLY B 304 10.65 -4.23 -9.30
N VAL B 305 11.39 -4.85 -10.22
CA VAL B 305 11.81 -6.26 -10.16
C VAL B 305 10.63 -7.25 -10.20
N GLU B 306 9.84 -7.31 -9.13
CA GLU B 306 8.47 -7.82 -9.23
C GLU B 306 7.55 -7.25 -8.12
N LEU B 307 7.96 -6.14 -7.52
CA LEU B 307 7.36 -5.58 -6.31
C LEU B 307 6.65 -4.24 -6.55
N ASP B 308 6.67 -3.77 -7.80
CA ASP B 308 6.00 -2.51 -8.22
C ASP B 308 4.68 -2.14 -7.54
N LYS B 309 3.79 -3.11 -7.40
CA LYS B 309 2.41 -2.81 -6.95
C LYS B 309 2.23 -2.44 -5.48
N TYR B 310 3.22 -2.72 -4.62
CA TYR B 310 3.20 -2.21 -3.24
C TYR B 310 3.68 -0.77 -3.21
N ILE B 311 4.77 -0.50 -3.94
CA ILE B 311 5.39 0.82 -3.97
C ILE B 311 4.43 1.82 -4.60
N ARG B 312 3.85 1.45 -5.73
CA ARG B 312 2.90 2.30 -6.44
C ARG B 312 1.63 2.56 -5.60
N ALA B 313 1.17 1.51 -4.91
CA ALA B 313 0.06 1.64 -3.97
C ALA B 313 0.36 2.58 -2.80
N LYS B 314 1.48 2.33 -2.11
CA LYS B 314 1.82 3.05 -0.87
C LYS B 314 2.49 4.40 -1.08
N GLY B 315 3.33 4.50 -2.11
CA GLY B 315 4.08 5.72 -2.39
C GLY B 315 5.52 5.65 -1.89
N ILE B 316 6.42 6.35 -2.59
CA ILE B 316 7.83 6.31 -2.32
C ILE B 316 8.48 7.67 -2.60
N THR B 317 9.06 8.26 -1.56
CA THR B 317 9.71 9.57 -1.65
C THR B 317 11.20 9.39 -2.01
N GLY B 318 11.61 9.98 -3.14
CA GLY B 318 12.99 9.98 -3.56
C GLY B 318 13.75 11.15 -2.95
N ILE B 319 14.74 10.85 -2.12
CA ILE B 319 15.66 11.86 -1.57
C ILE B 319 17.06 11.46 -2.02
N MET B 320 17.61 12.21 -2.97
CA MET B 320 18.91 11.88 -3.54
C MET B 320 20.02 12.01 -2.50
N ASN B 321 21.00 11.11 -2.56
CA ASN B 321 22.10 11.09 -1.61
C ASN B 321 22.96 12.35 -1.72
N GLY B 322 23.36 12.86 -0.56
CA GLY B 322 24.46 13.81 -0.45
C GLY B 322 25.81 13.15 -0.32
N MET B 323 26.77 13.94 0.17
CA MET B 323 28.18 13.59 0.24
C MET B 323 28.74 14.25 1.49
N ASP B 324 29.91 13.81 1.96
CA ASP B 324 30.57 14.49 3.07
C ASP B 324 31.47 15.63 2.56
N ILE B 325 31.09 16.87 2.89
CA ILE B 325 31.82 18.07 2.46
C ILE B 325 33.15 18.25 3.21
N GLU B 326 33.15 17.96 4.51
CA GLU B 326 34.38 17.98 5.30
C GLU B 326 35.45 17.07 4.66
N MET B 327 35.06 15.84 4.37
CA MET B 327 35.99 14.82 3.84
C MET B 327 36.36 15.06 2.38
N TRP B 328 35.35 15.20 1.52
CA TRP B 328 35.57 15.50 0.10
C TRP B 328 35.55 17.00 -0.14
N ASP B 329 36.74 17.59 -0.13
CA ASP B 329 36.91 19.03 -0.32
C ASP B 329 38.32 19.26 -0.86
N ALA B 330 38.42 19.38 -2.17
CA ALA B 330 39.73 19.53 -2.81
C ALA B 330 40.43 20.88 -2.53
N SER B 331 39.72 21.86 -1.95
CA SER B 331 40.39 23.07 -1.44
C SER B 331 41.22 22.78 -0.19
N LYS B 332 40.84 21.76 0.57
CA LYS B 332 41.42 21.47 1.89
C LYS B 332 41.75 19.97 2.11
N ASP B 333 41.77 19.17 1.03
CA ASP B 333 41.88 17.70 1.13
C ASP B 333 43.22 17.25 1.72
N LYS B 334 43.15 16.16 2.46
CA LYS B 334 44.31 15.54 3.10
C LYS B 334 45.21 14.90 2.05
N PHE B 335 44.62 14.07 1.18
CA PHE B 335 45.40 13.18 0.29
C PHE B 335 45.90 13.85 -1.01
N LEU B 336 45.87 15.19 -1.08
CA LEU B 336 46.21 15.93 -2.29
C LEU B 336 47.48 16.74 -2.11
N VAL B 337 48.30 16.79 -3.16
CA VAL B 337 49.58 17.48 -3.17
C VAL B 337 49.32 18.99 -3.28
N THR B 338 48.61 19.35 -4.34
CA THR B 338 48.15 20.72 -4.58
C THR B 338 46.63 20.74 -4.40
N LYS B 339 46.17 21.56 -3.44
CA LYS B 339 44.75 21.75 -3.17
C LYS B 339 44.20 22.94 -3.95
N TYR B 340 42.99 22.78 -4.51
CA TYR B 340 42.39 23.76 -5.44
C TYR B 340 40.91 24.01 -5.20
N THR B 341 40.47 25.24 -5.52
CA THR B 341 39.06 25.63 -5.51
C THR B 341 38.52 25.58 -6.95
N ALA B 342 37.26 25.97 -7.11
CA ALA B 342 36.65 26.16 -8.44
C ALA B 342 37.27 27.33 -9.23
N SER B 343 37.79 28.33 -8.51
CA SER B 343 38.47 29.48 -9.14
C SER B 343 39.86 29.11 -9.71
N SER B 344 40.50 28.12 -9.09
CA SER B 344 41.85 27.71 -9.46
C SER B 344 41.91 26.25 -9.93
N VAL B 345 40.96 25.84 -10.78
CA VAL B 345 40.85 24.44 -11.18
C VAL B 345 41.99 24.02 -12.09
N ASP B 346 41.99 24.58 -13.32
CA ASP B 346 42.91 24.17 -14.39
C ASP B 346 44.31 23.82 -13.87
N GLU B 347 44.85 24.70 -13.02
CA GLU B 347 46.15 24.57 -12.37
C GLU B 347 46.20 23.31 -11.49
N GLY B 348 45.27 23.26 -10.53
CA GLY B 348 45.22 22.23 -9.51
C GLY B 348 45.07 20.83 -10.02
N LYS B 349 44.18 20.63 -10.98
CA LYS B 349 43.94 19.28 -11.53
C LYS B 349 45.14 18.75 -12.30
N ALA B 350 45.65 19.54 -13.25
CA ALA B 350 46.80 19.13 -14.06
C ALA B 350 48.04 18.84 -13.22
N ALA B 351 48.15 19.51 -12.06
CA ALA B 351 49.19 19.20 -11.05
C ALA B 351 48.98 17.81 -10.41
N ASN B 352 47.75 17.55 -9.98
CA ASN B 352 47.35 16.25 -9.41
C ASN B 352 47.20 15.12 -10.45
N LYS B 353 47.19 15.49 -11.73
CA LYS B 353 47.16 14.54 -12.85
C LYS B 353 48.54 13.96 -13.09
N ALA B 354 49.58 14.80 -13.03
CA ALA B 354 50.96 14.36 -13.11
C ALA B 354 51.24 13.30 -12.05
N VAL B 355 50.86 13.62 -10.81
CA VAL B 355 50.93 12.72 -9.66
C VAL B 355 50.27 11.38 -10.00
N LEU B 356 49.04 11.46 -10.51
CA LEU B 356 48.27 10.28 -10.89
C LEU B 356 48.93 9.49 -12.00
N GLN B 357 49.21 10.15 -13.11
CA GLN B 357 49.87 9.52 -14.26
C GLN B 357 51.15 8.79 -13.83
N ALA B 358 51.93 9.46 -12.98
CA ALA B 358 53.16 8.88 -12.43
C ALA B 358 52.88 7.64 -11.58
N GLU B 359 51.94 7.76 -10.64
CA GLU B 359 51.59 6.67 -9.71
C GLU B 359 51.09 5.40 -10.41
N MET B 360 50.31 5.58 -11.46
CA MET B 360 49.81 4.46 -12.27
C MET B 360 50.88 4.00 -13.25
N GLY B 361 51.67 4.94 -13.74
CA GLY B 361 52.71 4.65 -14.72
C GLY B 361 52.13 4.76 -16.11
N LEU B 362 51.59 5.93 -16.41
CA LEU B 362 51.17 6.30 -17.74
C LEU B 362 52.11 7.38 -18.17
N LYS B 363 52.27 7.58 -19.48
CA LYS B 363 53.07 8.70 -19.97
C LYS B 363 52.56 9.98 -19.32
N VAL B 364 53.49 10.81 -18.81
CA VAL B 364 53.12 12.08 -18.17
C VAL B 364 52.96 13.14 -19.23
N SER B 365 51.78 13.14 -19.85
CA SER B 365 51.42 14.09 -20.89
C SER B 365 50.22 14.86 -20.36
N PRO B 366 50.39 16.17 -20.07
CA PRO B 366 49.22 16.94 -19.62
C PRO B 366 48.11 17.13 -20.68
N THR B 367 48.44 17.07 -21.96
CA THR B 367 47.45 17.26 -23.05
C THR B 367 46.68 15.99 -23.46
N THR B 368 47.08 14.82 -22.95
CA THR B 368 46.38 13.57 -23.21
C THR B 368 45.17 13.45 -22.26
N PRO B 369 43.96 13.12 -22.80
CA PRO B 369 42.80 13.01 -21.91
C PRO B 369 42.91 11.81 -20.95
N LEU B 370 42.30 11.96 -19.78
CA LEU B 370 42.33 10.91 -18.74
C LEU B 370 40.92 10.55 -18.24
N ILE B 371 40.43 9.38 -18.68
CA ILE B 371 39.12 8.84 -18.30
C ILE B 371 39.31 7.91 -17.10
N ALA B 372 38.41 8.00 -16.12
CA ALA B 372 38.45 7.17 -14.91
C ALA B 372 37.16 6.38 -14.74
N PHE B 373 37.28 5.07 -14.51
CA PHE B 373 36.13 4.21 -14.17
C PHE B 373 36.27 3.77 -12.73
N VAL B 374 35.21 3.93 -11.94
CA VAL B 374 35.13 3.38 -10.59
C VAL B 374 33.78 2.70 -10.40
N GLY B 375 33.80 1.50 -9.82
CA GLY B 375 32.58 0.73 -9.52
C GLY B 375 32.84 -0.76 -9.44
N ARG B 376 31.89 -1.48 -8.84
CA ARG B 376 32.02 -2.93 -8.64
C ARG B 376 32.10 -3.67 -9.97
N LEU B 377 32.85 -4.77 -9.96
CA LEU B 377 33.13 -5.53 -11.18
C LEU B 377 32.04 -6.58 -11.41
N ASP B 378 30.88 -6.11 -11.87
CA ASP B 378 29.79 -6.99 -12.29
C ASP B 378 28.86 -6.25 -13.27
N ASP B 379 27.82 -6.96 -13.70
CA ASP B 379 26.83 -6.47 -14.68
C ASP B 379 26.22 -5.09 -14.44
N GLN B 380 25.82 -4.80 -13.19
CA GLN B 380 25.13 -3.52 -12.86
C GLN B 380 25.91 -2.27 -13.25
N LYS B 381 27.22 -2.26 -12.99
CA LYS B 381 28.06 -1.07 -13.18
C LYS B 381 28.65 -0.93 -14.59
N GLY B 382 28.69 -2.05 -15.32
CA GLY B 382 28.95 -2.06 -16.76
C GLY B 382 30.40 -2.14 -17.15
N ALA B 383 31.18 -2.90 -16.39
CA ALA B 383 32.61 -3.07 -16.69
C ALA B 383 32.78 -3.90 -17.96
N ASP B 384 32.18 -5.09 -17.98
CA ASP B 384 32.24 -6.03 -19.15
C ASP B 384 32.17 -5.40 -20.55
N CYS B 385 31.30 -4.41 -20.74
CA CYS B 385 31.21 -3.69 -22.02
C CYS B 385 32.36 -2.69 -22.16
N MET B 386 32.45 -1.78 -21.18
CA MET B 386 33.55 -0.79 -21.08
C MET B 386 34.93 -1.32 -21.44
N VAL B 387 35.25 -2.50 -20.91
CA VAL B 387 36.55 -3.13 -21.15
C VAL B 387 36.63 -3.67 -22.57
N GLU B 388 35.52 -4.18 -23.12
CA GLU B 388 35.48 -4.51 -24.54
C GLU B 388 35.72 -3.26 -25.41
N ALA B 389 35.26 -2.11 -24.92
CA ALA B 389 35.41 -0.81 -25.61
C ALA B 389 36.76 -0.11 -25.46
N MET B 390 37.78 -0.81 -24.95
CA MET B 390 39.05 -0.16 -24.59
C MET B 390 39.88 0.33 -25.79
N PRO B 391 40.08 -0.51 -26.83
CA PRO B 391 40.86 -0.04 -27.98
C PRO B 391 40.38 1.31 -28.52
N TYR B 392 39.09 1.43 -28.76
CA TYR B 392 38.50 2.68 -29.28
C TYR B 392 38.81 3.91 -28.39
N LEU B 393 38.85 3.71 -27.08
CA LEU B 393 39.13 4.80 -26.14
C LEU B 393 40.58 5.30 -26.17
N VAL B 394 41.53 4.37 -26.32
CA VAL B 394 42.95 4.70 -26.34
C VAL B 394 43.47 4.82 -27.78
N ASN B 395 43.30 3.77 -28.58
CA ASN B 395 43.84 3.72 -29.97
C ASN B 395 43.24 4.73 -30.93
N THR B 396 41.96 5.07 -30.74
CA THR B 396 41.21 5.89 -31.70
C THR B 396 40.86 7.28 -31.18
N LEU B 397 40.41 7.36 -29.92
CA LEU B 397 40.17 8.66 -29.27
C LEU B 397 41.45 9.31 -28.75
N GLY B 398 42.39 8.50 -28.26
CA GLY B 398 43.68 8.97 -27.75
C GLY B 398 43.86 8.96 -26.25
N ALA B 399 42.77 8.83 -25.49
CA ALA B 399 42.80 9.05 -24.04
C ALA B 399 43.52 7.94 -23.25
N GLN B 400 43.89 8.28 -22.02
CA GLN B 400 44.38 7.32 -21.02
C GLN B 400 43.20 6.91 -20.15
N VAL B 401 43.23 5.68 -19.63
CA VAL B 401 42.08 5.13 -18.89
C VAL B 401 42.51 4.38 -17.61
N VAL B 402 42.20 4.99 -16.46
CA VAL B 402 42.40 4.37 -15.16
C VAL B 402 41.12 3.61 -14.76
N CYS B 403 41.29 2.46 -14.11
CA CYS B 403 40.18 1.53 -13.87
C CYS B 403 40.20 0.86 -12.50
N TYR B 404 39.50 1.45 -11.54
CA TYR B 404 39.36 0.90 -10.19
C TYR B 404 38.08 0.04 -10.09
N GLY B 405 38.18 -1.07 -9.36
CA GLY B 405 37.03 -1.95 -9.18
C GLY B 405 37.41 -3.26 -8.53
N SER B 406 36.42 -3.87 -7.88
CA SER B 406 36.60 -5.16 -7.22
C SER B 406 35.28 -5.93 -7.24
N GLY B 407 35.38 -7.22 -7.56
CA GLY B 407 34.23 -8.07 -7.79
C GLY B 407 34.65 -9.35 -8.50
N ARG B 408 33.83 -9.79 -9.45
CA ARG B 408 33.98 -11.11 -10.09
C ARG B 408 35.38 -11.42 -10.63
N GLU B 409 35.74 -12.70 -10.60
CA GLU B 409 37.04 -13.19 -11.07
C GLU B 409 37.34 -12.89 -12.54
N ASP B 410 36.31 -12.87 -13.38
CA ASP B 410 36.49 -12.62 -14.83
C ASP B 410 36.99 -11.21 -15.12
N MET B 411 36.23 -10.20 -14.67
CA MET B 411 36.58 -8.79 -14.94
C MET B 411 37.79 -8.29 -14.14
N ALA B 412 38.04 -8.88 -12.97
CA ALA B 412 39.26 -8.57 -12.20
C ALA B 412 40.53 -8.99 -12.95
N ALA B 413 40.43 -10.13 -13.64
CA ALA B 413 41.52 -10.67 -14.47
C ALA B 413 41.85 -9.75 -15.64
N LYS B 414 40.82 -9.36 -16.37
CA LYS B 414 40.96 -8.46 -17.52
C LYS B 414 41.46 -7.07 -17.13
N PHE B 415 41.01 -6.56 -15.97
CA PHE B 415 41.50 -5.27 -15.45
C PHE B 415 43.03 -5.22 -15.21
N LYS B 416 43.56 -6.21 -14.50
CA LYS B 416 45.00 -6.29 -14.23
C LYS B 416 45.84 -6.33 -15.51
N ALA B 417 45.36 -7.08 -16.52
CA ALA B 417 46.06 -7.22 -17.80
C ALA B 417 45.89 -6.04 -18.78
N LEU B 418 45.26 -4.94 -18.35
CA LEU B 418 45.12 -3.73 -19.19
C LEU B 418 46.45 -3.06 -19.41
N GLU B 419 47.19 -2.83 -18.33
CA GLU B 419 48.52 -2.18 -18.41
C GLU B 419 49.55 -2.97 -19.22
N LYS B 420 49.37 -4.28 -19.33
CA LYS B 420 50.17 -5.11 -20.23
C LYS B 420 49.82 -4.83 -21.70
N GLN B 421 48.55 -4.96 -22.05
CA GLN B 421 48.09 -4.83 -23.45
C GLN B 421 48.12 -3.40 -24.01
N PHE B 422 48.00 -2.40 -23.13
CA PHE B 422 48.10 -0.99 -23.52
C PHE B 422 49.20 -0.31 -22.71
N PRO B 423 50.48 -0.69 -22.98
CA PRO B 423 51.59 -0.31 -22.10
C PRO B 423 51.70 1.20 -21.91
N GLY B 424 51.59 1.64 -20.66
CA GLY B 424 51.73 3.05 -20.31
C GLY B 424 50.60 3.95 -20.76
N MET B 425 49.50 3.37 -21.23
CA MET B 425 48.30 4.12 -21.64
C MET B 425 47.02 3.70 -20.89
N ALA B 426 47.16 2.82 -19.89
CA ALA B 426 46.02 2.30 -19.13
C ALA B 426 46.50 1.54 -17.90
N LYS B 427 45.75 1.63 -16.81
CA LYS B 427 45.99 0.79 -15.64
C LYS B 427 44.68 0.31 -15.03
N GLY B 428 44.73 -0.90 -14.46
CA GLY B 428 43.61 -1.49 -13.73
C GLY B 428 43.98 -1.91 -12.33
N LYS B 429 43.58 -1.09 -11.35
CA LYS B 429 43.83 -1.35 -9.93
C LYS B 429 42.64 -2.10 -9.28
N THR B 430 42.78 -3.40 -9.04
CA THR B 430 41.82 -4.15 -8.19
C THR B 430 42.48 -4.36 -6.83
N ALA B 431 41.80 -3.92 -5.78
CA ALA B 431 42.38 -3.68 -4.43
C ALA B 431 43.01 -2.30 -4.36
N PHE B 432 42.56 -1.49 -3.41
CA PHE B 432 42.92 -0.09 -3.31
C PHE B 432 42.50 0.51 -1.97
N VAL B 433 42.94 1.74 -1.70
CA VAL B 433 42.72 2.41 -0.42
C VAL B 433 41.83 3.64 -0.63
N PRO B 434 41.08 4.06 0.41
CA PRO B 434 40.46 5.38 0.42
C PRO B 434 41.31 6.51 -0.14
N LYS B 435 42.59 6.61 0.26
CA LYS B 435 43.51 7.63 -0.30
C LYS B 435 43.64 7.63 -1.84
N GLU B 436 43.49 6.45 -2.44
CA GLU B 436 43.74 6.24 -3.87
C GLU B 436 42.57 6.74 -4.73
N GLU B 437 41.36 6.71 -4.18
CA GLU B 437 40.16 7.24 -4.85
C GLU B 437 40.11 8.78 -4.88
N HIS B 438 40.76 9.47 -3.93
CA HIS B 438 40.78 10.95 -3.93
C HIS B 438 41.71 11.52 -5.02
N THR B 439 42.93 11.00 -5.11
CA THR B 439 43.89 11.44 -6.14
C THR B 439 43.35 11.13 -7.54
N LEU B 440 42.69 9.99 -7.69
CA LEU B 440 42.06 9.60 -8.96
C LEU B 440 41.03 10.61 -9.46
N MET B 441 40.25 11.22 -8.57
CA MET B 441 39.25 12.20 -8.97
C MET B 441 39.89 13.51 -9.39
N ALA B 442 40.76 14.04 -8.54
CA ALA B 442 41.43 15.30 -8.83
C ALA B 442 42.31 15.23 -10.08
N GLY B 443 42.83 14.04 -10.39
CA GLY B 443 43.67 13.82 -11.57
C GLY B 443 42.91 13.57 -12.86
N ALA B 444 41.78 12.86 -12.79
CA ALA B 444 40.99 12.51 -13.97
C ALA B 444 40.34 13.73 -14.61
N ASP B 445 40.39 13.79 -15.94
CA ASP B 445 39.71 14.83 -16.71
C ASP B 445 38.23 14.51 -16.78
N TYR B 446 37.94 13.27 -17.19
CA TYR B 446 36.60 12.74 -17.38
C TYR B 446 36.38 11.51 -16.48
N VAL B 447 35.17 11.34 -15.94
CA VAL B 447 34.78 10.12 -15.19
C VAL B 447 33.64 9.36 -15.90
N LEU B 448 33.75 8.04 -15.94
CA LEU B 448 32.90 7.20 -16.78
C LEU B 448 32.10 6.18 -15.97
N MET B 449 30.78 6.18 -16.14
CA MET B 449 29.88 5.23 -15.48
C MET B 449 28.91 4.66 -16.51
N PRO B 450 29.19 3.45 -17.03
CA PRO B 450 28.32 2.80 -18.02
C PRO B 450 27.31 1.82 -17.38
N SER B 451 26.56 2.29 -16.38
CA SER B 451 25.71 1.43 -15.56
C SER B 451 24.40 1.01 -16.27
N ARG B 452 23.97 -0.22 -16.00
CA ARG B 452 22.67 -0.75 -16.50
C ARG B 452 21.54 0.01 -15.80
N PHE B 453 21.72 0.23 -14.50
CA PHE B 453 20.82 1.05 -13.70
C PHE B 453 21.55 1.55 -12.47
N GLU B 454 21.14 2.69 -11.93
CA GLU B 454 21.81 3.28 -10.77
C GLU B 454 20.81 3.99 -9.85
N PRO B 455 20.44 3.35 -8.72
CA PRO B 455 19.57 3.95 -7.70
C PRO B 455 19.96 5.35 -7.27
N CYS B 456 21.26 5.60 -7.17
CA CYS B 456 21.77 6.97 -7.09
C CYS B 456 23.17 7.07 -7.70
N GLY B 457 24.13 6.36 -7.10
CA GLY B 457 25.53 6.47 -7.47
C GLY B 457 26.19 7.59 -6.68
N LEU B 458 27.43 7.36 -6.28
CA LEU B 458 28.22 8.32 -5.50
C LEU B 458 29.54 8.76 -6.20
N VAL B 459 30.09 7.91 -7.07
CA VAL B 459 31.36 8.25 -7.74
C VAL B 459 31.23 9.44 -8.70
N GLN B 460 30.05 9.60 -9.31
CA GLN B 460 29.79 10.77 -10.16
C GLN B 460 29.59 12.03 -9.33
N LEU B 461 28.98 11.90 -8.15
CA LEU B 461 28.87 13.01 -7.21
C LEU B 461 30.26 13.40 -6.77
N HIS B 462 31.06 12.41 -6.35
CA HIS B 462 32.45 12.64 -5.94
C HIS B 462 33.27 13.36 -7.02
N ALA B 463 33.14 12.92 -8.27
CA ALA B 463 33.83 13.51 -9.42
C ALA B 463 33.50 14.99 -9.63
N MET B 464 32.21 15.28 -9.78
CA MET B 464 31.70 16.66 -9.89
C MET B 464 32.22 17.60 -8.78
N LYS B 465 32.40 17.07 -7.57
CA LYS B 465 32.94 17.85 -6.47
C LYS B 465 34.37 18.29 -6.76
N TYR B 466 35.13 17.40 -7.41
CA TYR B 466 36.56 17.61 -7.69
C TYR B 466 36.84 18.10 -9.12
N GLY B 467 35.80 18.29 -9.93
CA GLY B 467 35.93 18.88 -11.26
C GLY B 467 36.11 17.89 -12.40
N ALA B 468 36.09 16.59 -12.11
CA ALA B 468 36.15 15.57 -13.16
C ALA B 468 34.79 15.49 -13.83
N VAL B 469 34.76 15.74 -15.13
CA VAL B 469 33.52 15.93 -15.90
C VAL B 469 32.86 14.57 -16.19
N PRO B 470 31.61 14.35 -15.70
CA PRO B 470 31.03 13.01 -15.82
C PRO B 470 30.51 12.66 -17.20
N ILE B 471 30.89 11.50 -17.71
CA ILE B 471 30.28 10.91 -18.89
C ILE B 471 29.54 9.71 -18.33
N VAL B 472 28.21 9.73 -18.37
CA VAL B 472 27.40 8.74 -17.64
C VAL B 472 26.38 8.02 -18.50
N SER B 473 25.87 6.92 -17.95
CA SER B 473 24.69 6.23 -18.47
C SER B 473 23.46 6.99 -17.94
N CYS B 474 22.40 7.05 -18.73
CA CYS B 474 21.25 7.90 -18.48
C CYS B 474 20.15 7.20 -17.67
N THR B 475 20.42 6.91 -16.40
CA THR B 475 19.48 6.22 -15.51
C THR B 475 19.56 6.78 -14.09
N GLY B 476 18.43 6.77 -13.40
CA GLY B 476 18.38 7.00 -11.96
C GLY B 476 19.05 8.30 -11.51
N GLY B 477 19.74 8.25 -10.37
CA GLY B 477 20.43 9.41 -9.83
C GLY B 477 21.45 10.04 -10.76
N LEU B 478 21.94 9.28 -11.75
CA LEU B 478 22.81 9.81 -12.81
C LEU B 478 22.06 10.80 -13.72
N LYS B 479 20.80 10.50 -14.02
CA LYS B 479 19.92 11.44 -14.71
C LYS B 479 19.69 12.72 -13.89
N ASP B 480 19.36 12.57 -12.60
CA ASP B 480 19.12 13.73 -11.72
C ASP B 480 20.35 14.61 -11.50
N SER B 481 21.52 13.98 -11.33
CA SER B 481 22.73 14.70 -10.91
C SER B 481 23.56 15.27 -12.08
N VAL B 482 23.77 14.48 -13.15
CA VAL B 482 24.51 14.94 -14.33
C VAL B 482 23.60 15.69 -15.30
N ILE B 483 23.29 16.93 -14.92
CA ILE B 483 22.60 17.89 -15.78
C ILE B 483 23.51 18.26 -16.97
N PRO B 484 22.95 18.77 -18.08
CA PRO B 484 23.81 19.10 -19.24
C PRO B 484 24.86 20.20 -19.00
N GLU B 485 24.63 21.08 -18.01
CA GLU B 485 25.61 22.12 -17.62
C GLU B 485 26.91 21.56 -17.01
N CYS B 486 26.83 20.33 -16.49
CA CYS B 486 27.95 19.68 -15.83
C CYS B 486 28.60 18.57 -16.64
N GLY B 487 27.83 17.81 -17.43
CA GLY B 487 28.38 16.64 -18.10
C GLY B 487 27.57 16.09 -19.25
N PHE B 488 27.94 14.87 -19.65
CA PHE B 488 27.36 14.15 -20.80
C PHE B 488 26.58 12.92 -20.35
N THR B 489 25.55 12.56 -21.12
CA THR B 489 24.59 11.51 -20.75
C THR B 489 24.17 10.65 -21.95
N PHE B 490 25.03 9.70 -22.33
CA PHE B 490 24.65 8.71 -23.37
C PHE B 490 23.54 7.81 -22.86
N GLU B 491 22.82 7.15 -23.77
CA GLU B 491 21.64 6.34 -23.38
C GLU B 491 22.05 5.02 -22.73
N GLU B 492 21.20 4.52 -21.83
CA GLU B 492 21.57 3.41 -20.93
C GLU B 492 21.91 2.09 -21.63
N ILE B 493 22.55 1.21 -20.86
CA ILE B 493 23.12 -0.02 -21.41
C ILE B 493 22.08 -1.13 -21.24
N PRO B 494 21.98 -2.05 -22.23
CA PRO B 494 20.98 -3.13 -22.13
C PRO B 494 21.27 -4.24 -21.11
N SER B 495 20.23 -4.68 -20.41
CA SER B 495 20.25 -5.89 -19.55
C SER B 495 19.23 -6.90 -20.10
N PRO B 496 19.11 -8.10 -19.47
CA PRO B 496 18.03 -9.05 -19.84
C PRO B 496 16.69 -8.79 -19.10
N GLU B 497 15.84 -9.82 -18.94
CA GLU B 497 14.70 -9.77 -18.01
C GLU B 497 15.19 -9.57 -16.56
N TYR B 498 16.42 -10.02 -16.35
CA TYR B 498 17.45 -9.51 -15.39
C TYR B 498 17.51 -10.19 -14.02
N PRO B 499 17.40 -9.43 -12.90
CA PRO B 499 18.10 -9.81 -11.67
C PRO B 499 19.30 -10.75 -11.88
N GLY B 500 20.30 -10.26 -12.61
CA GLY B 500 21.55 -10.99 -12.81
C GLY B 500 21.41 -12.35 -13.50
N MET B 501 20.72 -12.35 -14.64
CA MET B 501 20.47 -13.54 -15.47
C MET B 501 21.79 -14.12 -16.04
N LYS B 502 21.74 -15.38 -16.42
CA LYS B 502 22.89 -16.03 -17.11
C LYS B 502 23.28 -15.28 -18.40
N ILE B 503 24.60 -15.09 -18.56
CA ILE B 503 25.24 -14.23 -19.58
C ILE B 503 24.41 -13.10 -20.30
N SER B 504 24.92 -11.87 -20.23
CA SER B 504 24.46 -10.78 -21.09
C SER B 504 24.91 -11.15 -22.49
N PRO B 505 23.97 -11.51 -23.40
CA PRO B 505 24.37 -12.19 -24.64
C PRO B 505 25.26 -11.36 -25.53
N GLU B 506 26.42 -11.90 -25.94
CA GLU B 506 27.30 -11.32 -27.00
C GLU B 506 26.70 -10.14 -27.81
N LEU B 507 25.49 -10.38 -28.32
CA LEU B 507 24.69 -9.45 -29.10
C LEU B 507 24.37 -8.19 -28.27
N ILE B 508 23.70 -8.39 -27.13
CA ILE B 508 23.45 -7.31 -26.13
C ILE B 508 24.77 -6.68 -25.65
N ALA B 509 25.83 -7.49 -25.60
CA ALA B 509 27.19 -6.98 -25.33
C ALA B 509 27.80 -6.16 -26.48
N LYS B 510 26.98 -5.66 -27.42
CA LYS B 510 27.31 -4.48 -28.23
C LYS B 510 26.76 -3.19 -27.60
N GLY B 511 26.39 -3.22 -26.32
CA GLY B 511 26.18 -2.02 -25.52
C GLY B 511 27.40 -1.10 -25.56
N THR B 512 28.59 -1.73 -25.57
CA THR B 512 29.88 -1.10 -25.94
C THR B 512 29.81 0.10 -26.88
N LYS B 513 29.16 -0.07 -28.02
CA LYS B 513 29.12 0.97 -29.05
C LYS B 513 28.46 2.28 -28.59
N ILE B 514 27.56 2.19 -27.62
CA ILE B 514 26.95 3.38 -27.00
C ILE B 514 27.99 4.17 -26.18
N ILE B 515 28.99 3.47 -25.64
CA ILE B 515 30.09 4.09 -24.88
C ILE B 515 31.12 4.72 -25.82
N GLU B 516 31.58 3.94 -26.80
CA GLU B 516 32.46 4.42 -27.87
C GLU B 516 31.92 5.74 -28.41
N GLU B 517 30.64 5.72 -28.79
CA GLU B 517 29.95 6.88 -29.35
C GLU B 517 29.80 8.01 -28.33
N GLY B 518 29.36 7.67 -27.12
CA GLY B 518 29.11 8.65 -26.06
C GLY B 518 30.34 9.42 -25.63
N CYS B 519 31.45 8.70 -25.51
CA CYS B 519 32.74 9.30 -25.18
C CYS B 519 33.26 10.17 -26.32
N LYS B 520 33.28 9.62 -27.53
CA LYS B 520 33.76 10.34 -28.72
C LYS B 520 33.23 11.79 -28.79
N GLU B 521 31.95 11.98 -28.48
CA GLU B 521 31.34 13.32 -28.41
C GLU B 521 31.97 14.15 -27.30
N ALA B 522 32.05 13.59 -26.10
CA ALA B 522 32.51 14.32 -24.93
C ALA B 522 33.97 14.75 -24.98
N LEU B 523 34.85 13.86 -25.46
CA LEU B 523 36.28 14.09 -25.52
C LEU B 523 36.68 14.99 -26.68
N ALA B 524 35.91 14.96 -27.75
CA ALA B 524 36.11 15.88 -28.86
C ALA B 524 35.86 17.37 -28.54
N GLY B 525 35.61 17.73 -27.28
CA GLY B 525 35.71 19.11 -26.82
C GLY B 525 36.58 19.28 -25.59
N TYR B 526 37.46 18.31 -25.35
CA TYR B 526 38.53 18.43 -24.38
C TYR B 526 39.38 19.66 -24.72
N GLY B 527 39.61 20.49 -23.71
CA GLY B 527 40.34 21.74 -23.89
C GLY B 527 39.56 22.89 -24.49
N SER B 528 38.22 22.77 -24.51
CA SER B 528 37.38 23.86 -24.98
C SER B 528 37.13 24.82 -23.83
N LYS B 529 36.59 25.99 -24.15
CA LYS B 529 36.01 26.86 -23.11
C LYS B 529 34.73 26.23 -22.55
N ALA B 530 34.09 25.36 -23.33
CA ALA B 530 32.95 24.53 -22.88
C ALA B 530 33.35 23.56 -21.78
N PHE B 531 34.51 22.93 -21.96
CA PHE B 531 35.09 22.03 -20.99
C PHE B 531 35.43 22.78 -19.70
N ALA B 532 36.03 23.96 -19.82
CA ALA B 532 36.35 24.79 -18.65
C ALA B 532 35.11 25.30 -17.91
N GLY B 533 34.00 25.46 -18.65
CA GLY B 533 32.71 25.82 -18.06
C GLY B 533 32.09 24.67 -17.30
N MET B 534 32.12 23.48 -17.91
CA MET B 534 31.70 22.24 -17.25
C MET B 534 32.48 22.02 -15.96
N ARG B 535 33.80 22.22 -16.01
CA ARG B 535 34.68 22.11 -14.83
C ARG B 535 34.21 22.99 -13.67
N ALA B 536 33.97 24.26 -13.98
CA ALA B 536 33.52 25.23 -12.98
C ALA B 536 32.10 24.92 -12.50
N ALA B 537 31.20 24.66 -13.45
CA ALA B 537 29.81 24.28 -13.17
C ALA B 537 29.68 23.09 -12.22
N CYS B 538 30.44 22.02 -12.52
CA CYS B 538 30.48 20.80 -11.70
C CYS B 538 30.70 21.05 -10.21
N MET B 539 31.63 21.95 -9.92
CA MET B 539 32.11 22.17 -8.55
C MET B 539 31.26 23.17 -7.76
N LYS B 540 30.58 24.09 -8.46
CA LYS B 540 29.65 25.02 -7.80
C LYS B 540 28.39 24.35 -7.26
N GLN B 541 28.03 23.18 -7.80
CA GLN B 541 26.89 22.41 -7.28
C GLN B 541 27.06 22.00 -5.81
N ASP B 542 25.94 21.91 -5.10
CA ASP B 542 25.90 21.65 -3.66
C ASP B 542 25.40 20.23 -3.40
N PHE B 543 26.28 19.37 -2.87
CA PHE B 543 25.95 17.98 -2.54
C PHE B 543 25.97 17.69 -1.03
N ALA B 544 25.93 18.72 -0.20
CA ALA B 544 25.93 18.55 1.26
C ALA B 544 24.56 18.07 1.74
N TRP B 545 24.55 17.25 2.78
CA TRP B 545 23.32 16.67 3.28
C TRP B 545 22.34 17.70 3.86
N LYS B 546 22.84 18.82 4.39
CA LYS B 546 21.99 19.86 5.00
C LYS B 546 20.62 20.01 4.34
N LYS B 547 20.60 20.08 3.00
CA LYS B 547 19.34 20.14 2.24
C LYS B 547 18.58 18.82 2.32
N ARG B 548 19.28 17.72 1.98
CA ARG B 548 18.68 16.38 1.95
C ARG B 548 18.05 16.00 3.30
N VAL B 549 18.76 16.30 4.39
CA VAL B 549 18.34 15.96 5.75
C VAL B 549 16.99 16.56 6.10
N LEU B 550 16.79 17.83 5.75
CA LEU B 550 15.51 18.53 5.99
C LEU B 550 14.31 17.82 5.34
N VAL B 551 14.54 17.19 4.19
CA VAL B 551 13.52 16.39 3.51
C VAL B 551 13.28 15.08 4.28
N TYR B 552 14.36 14.34 4.57
CA TYR B 552 14.33 13.15 5.44
C TYR B 552 13.65 13.42 6.78
N GLU B 553 13.98 14.57 7.35
CA GLU B 553 13.49 15.01 8.66
C GLU B 553 11.98 15.25 8.68
N LYS B 554 11.45 15.85 7.62
CA LYS B 554 9.99 16.08 7.53
C LYS B 554 9.20 14.80 7.25
N VAL B 555 9.75 13.91 6.42
CA VAL B 555 9.14 12.58 6.19
C VAL B 555 8.95 11.83 7.52
N PHE B 556 9.86 12.04 8.47
CA PHE B 556 9.72 11.48 9.83
C PHE B 556 8.51 12.11 10.51
N TYR B 557 8.49 13.44 10.58
CA TYR B 557 7.43 14.19 11.27
C TYR B 557 6.02 13.82 10.82
N GLU B 558 5.85 13.56 9.53
CA GLU B 558 4.56 13.13 8.98
C GLU B 558 4.19 11.75 9.51
N THR B 559 5.09 10.79 9.29
CA THR B 559 4.90 9.41 9.75
C THR B 559 4.62 9.31 11.26
N LEU B 560 5.25 10.18 12.04
CA LEU B 560 4.98 10.24 13.48
C LEU B 560 3.74 11.08 13.76
N GLY B 561 3.86 12.40 13.55
CA GLY B 561 2.87 13.39 14.01
C GLY B 561 3.59 14.70 14.36
N ILE B 562 4.64 14.57 15.18
CA ILE B 562 5.45 15.69 15.70
C ILE B 562 6.02 16.59 14.61
C2 BGC C . -22.58 -9.98 -9.33
C3 BGC C . -22.80 -8.75 -8.44
C4 BGC C . -24.21 -8.70 -7.84
C5 BGC C . -24.63 -10.05 -7.26
C6 BGC C . -26.05 -10.01 -6.69
C1 BGC C . -23.29 -11.24 -8.83
O1 BGC C . -23.40 -12.14 -9.92
O2 BGC C . -21.17 -10.24 -9.39
O3 BGC C . -22.60 -7.58 -9.23
O4 BGC C . -24.20 -7.67 -6.83
O5 BGC C . -24.61 -10.99 -8.32
O6 BGC C . -27.00 -9.95 -7.76
C1 GLC C . -24.90 -6.50 -7.19
C2 GLC C . -24.02 -5.26 -7.04
C3 GLC C . -23.84 -4.91 -5.60
C4 GLC C . -25.17 -4.70 -4.95
C5 GLC C . -26.01 -5.96 -5.05
C6 GLC C . -27.45 -5.63 -4.65
O2 GLC C . -22.74 -5.51 -7.62
O3 GLC C . -23.13 -3.69 -5.52
O4 GLC C . -24.97 -4.37 -3.59
O5 GLC C . -26.07 -6.48 -6.38
O6 GLC C . -28.13 -4.81 -5.64
C1 AC1 C . -25.19 -3.03 -3.15
O2 AC1 C . -22.95 -2.30 -3.68
C2 AC1 C . -23.91 -2.40 -2.63
C4A AC1 C . -23.30 -2.44 4.86
C3 AC1 C . -23.33 -3.20 -1.45
O3 AC1 C . -22.07 -2.62 -1.06
C4 AC1 C . -24.38 -3.23 -0.33
N4A AC1 C . -23.97 -3.98 0.89
C5 AC1 C . -25.67 -3.81 -0.95
O5 AC1 C . -26.12 -3.03 -2.07
C6 AC1 C . -26.82 -3.84 0.02
C1B AC1 C . -23.17 -3.40 2.01
C2B AC1 C . -23.09 -4.35 3.24
O2B AC1 C . -23.47 -5.71 2.97
C3B AC1 C . -23.84 -3.82 4.47
O3B AC1 C . -23.68 -4.76 5.54
O4 AC1 C . -23.89 -1.93 6.08
C5B AC1 C . -23.57 -1.52 3.71
C7B AC1 C . -23.56 -1.98 2.44
C6B AC1 C . -23.81 -0.06 3.99
O6B AC1 C . -22.84 0.39 4.92
C2 BGC D . 22.61 -12.66 -5.15
C3 BGC D . 22.79 -11.44 -4.26
C4 BGC D . 24.21 -10.88 -4.23
C5 BGC D . 24.80 -10.84 -5.63
C6 BGC D . 26.23 -10.29 -5.67
C1 BGC D . 23.47 -12.61 -6.43
O1 BGC D . 23.52 -13.90 -7.03
O2 BGC D . 21.22 -12.75 -5.53
O3 BGC D . 22.39 -11.78 -2.92
O4 BGC D . 24.15 -9.55 -3.70
O5 BGC D . 24.79 -12.18 -6.11
O6 BGC D . 27.11 -11.10 -4.91
C1 GLC D . 24.96 -9.27 -2.57
C2 GLC D . 24.09 -8.80 -1.42
C3 GLC D . 23.57 -7.42 -1.74
C4 GLC D . 24.74 -6.48 -1.75
C5 GLC D . 25.66 -6.88 -2.89
C6 GLC D . 27.02 -6.18 -2.78
O2 GLC D . 23.00 -9.70 -1.17
O3 GLC D . 22.60 -7.03 -0.78
O4 GLC D . 24.23 -5.15 -1.95
O5 GLC D . 25.95 -8.30 -2.94
O6 GLC D . 27.78 -6.72 -1.69
C1 AC1 D . 24.43 -4.21 -0.88
O2 AC1 D . 22.02 -4.05 -0.57
C2 AC1 D . 23.22 -3.30 -0.77
C4A AC1 D . 23.34 3.28 -4.38
C3 AC1 D . 23.07 -2.38 -1.97
O3 AC1 D . 22.04 -1.45 -1.61
C4 AC1 D . 24.36 -1.62 -2.30
N4A AC1 D . 24.28 -0.85 -3.56
C5 AC1 D . 25.54 -2.61 -2.32
O5 AC1 D . 25.60 -3.39 -1.11
C6 AC1 D . 26.87 -1.88 -2.44
C1B AC1 D . 23.46 0.36 -3.74
C2B AC1 D . 23.39 0.87 -5.19
O2B AC1 D . 24.08 -0.01 -6.08
C3B AC1 D . 23.92 2.30 -5.40
O3B AC1 D . 23.57 2.74 -6.71
O4 AC1 D . 23.86 4.60 -4.58
C5B AC1 D . 23.70 2.79 -3.02
C7B AC1 D . 23.82 1.48 -2.75
C6B AC1 D . 23.86 3.80 -1.91
O6B AC1 D . 22.74 4.69 -1.95
PB ADP E . -27.52 -4.74 3.40
O1B ADP E . -26.51 -5.78 3.00
O2B ADP E . -27.15 -3.34 2.99
O3B ADP E . -28.95 -5.16 3.14
PA ADP E . -28.02 -3.36 5.80
O1A ADP E . -26.96 -2.30 5.86
O2A ADP E . -28.62 -3.97 7.05
O3A ADP E . -27.41 -4.61 5.00
O5' ADP E . -29.24 -2.77 4.88
C5' ADP E . -30.63 -2.81 5.24
C4' ADP E . -31.35 -1.53 4.79
O4' ADP E . -32.01 -1.74 3.55
C3' ADP E . -32.46 -1.03 5.73
O3' ADP E . -32.37 0.39 5.83
C2' ADP E . -33.78 -1.47 5.09
O2' ADP E . -34.75 -0.42 5.11
C1' ADP E . -33.45 -1.80 3.66
N9 ADP E . -33.81 -3.13 3.11
C8 ADP E . -34.03 -4.29 3.77
N7 ADP E . -34.27 -5.30 2.89
C5 ADP E . -34.17 -4.79 1.66
C6 ADP E . -34.32 -5.30 0.29
N6 ADP E . -34.61 -6.61 0.13
N1 ADP E . -34.16 -4.44 -0.76
C2 ADP E . -33.87 -3.12 -0.56
N3 ADP E . -33.72 -2.59 0.67
C4 ADP E . -33.87 -3.36 1.80
PB ADP F . 27.72 1.34 -5.58
O1B ADP F . 29.17 1.26 -6.02
O2B ADP F . 27.46 1.32 -4.11
O3B ADP F . 26.82 0.42 -6.36
PA ADP F . 28.00 4.16 -5.51
O1A ADP F . 28.55 4.83 -6.75
O2A ADP F . 27.05 4.94 -4.64
O3A ADP F . 27.28 2.81 -6.01
O5' ADP F . 29.24 3.72 -4.56
C5' ADP F . 30.53 4.30 -4.75
C4' ADP F . 31.44 4.02 -3.56
O4' ADP F . 31.81 2.65 -3.62
C3' ADP F . 32.74 4.81 -3.55
O3' ADP F . 32.83 5.50 -2.29
C2' ADP F . 33.86 3.78 -3.77
O2' ADP F . 35.08 4.07 -3.09
C1' ADP F . 33.19 2.53 -3.23
N9 ADP F . 33.75 1.21 -3.61
C8 ADP F . 33.98 0.68 -4.84
N7 ADP F . 34.47 -0.59 -4.73
C5 ADP F . 34.55 -0.90 -3.42
C6 ADP F . 34.98 -2.06 -2.56
N6 ADP F . 35.45 -3.20 -3.09
N1 ADP F . 34.90 -1.93 -1.21
C2 ADP F . 34.43 -0.81 -0.61
N3 ADP F . 34.04 0.26 -1.32
C4 ADP F . 34.07 0.28 -2.68
#